data_6ACA
#
_entry.id   6ACA
#
_cell.length_a   224.259
_cell.length_b   224.259
_cell.length_c   224.259
_cell.angle_alpha   90.00
_cell.angle_beta   90.00
_cell.angle_gamma   90.00
#
_symmetry.space_group_name_H-M   'P 4 3 2'
#
loop_
_entity.id
_entity.type
_entity.pdbx_description
1 polymer 'Mycobacterium tuberculosis Mfd'
2 water water
#
_entity_poly.entity_id   1
_entity_poly.type   'polypeptide(L)'
_entity_poly.pdbx_seq_one_letter_code
;MGSSHHHHHHSSGLVPRGSHMTAPGPACSDTPIAGLVELALSAPTFQQLMQRAGGRPDELTLIAPASARLLVASALARQG
PLLVVTATGREADDLAAELRGVFGDAVALLPSWETLPHERLSPGVDTVGTRLMALRRLAHPDDAQLGPPLGVVVTSVRSL
LQPMTPQLGMMEPLTLTVGDESPFDGVVARLVELAYTRVDMVGRRGEFAVRGGILDIFAPTAEHPVRVEFWGDEITEMRM
FSVADQRSIPEIDIHTLVAFACRELLLSEDVRARAAQLAARHPAAESTVTGSASDMLAKLAEGIAVDGMEAVLPVLWSDG
HALLTDQLPDGTPVLVCDPEKVRTRAADLIRTGREFLEASWSVAALGTAENQAPVDVEQLGGSGFVELDQVRAAAARTGH
PWWTLSQLSDESAIELDVRAAPSARGHQRDIDEIFAMLRAHIATGGYAALVAPGTGTAHRVVERLSESDTPAGMLDPGQA
PKPGVVGVLQGPLRDGVIIPGANLVVITETDLTGSRVSAAEGKRLAAKRRNIVDPLALTAGDLVVHDQHGIGRFVEMVER
TVGGARREYLVLEYASAKRGGGAKNTDKLYVPMDSLDQLSRYVGGQAPALSRLGGSDWANTKTKARRAVREIAGELVSLY
AKRQASPGHAFSPDTPWQAELEDAFGFTETVDQLTAIEEVKADMEKPIPMDRVICGDVGYGKTEIAVRAAFKAVQDGKQV
AVLVPTTLLADQHLQTFGERMSGFPVTIKGLSRFTDAAESRAVIDGLADGSVDIVIGTHRLLQTGVRWKDLGLVVVDEEQ
RFGVEHKEHIKSLRTHVDVLTMSATPIPRTLEMSLAGIREMSTILTPPEERYPVLTYVGPHDDKQIAAALRRELLRDGQA
FYVHNRVSSIDAAAARVRELVPEARVVVAHGQMPEDLLETTVQRFWNREHDILVCTTIVETGLDISNANTLIVERADTFG
LSQLHQLRGRVGRSRERGYAYFLYPPQVPLTETAYDRLATIAQNNELGAGMAVALKDLEIRGAGNVLGIEQSGHVAGVGF
DLYVRLVGEALETYRDAYRAAADGQTVRTAEEPKDVRIDLPVDAHLPPDYIASDRLRLEGYRRLAAASSDREVAAVVDEL
TDRYGALPEPARRLAAVARLRLLCRGSGITDVTAASAATVRLSPLTLPDSAQVRLKRMYPGAHYRATTATVQVPIPRAGG
LGAPRIRDVELVQMVADLITALAGKPRQHIGITNPSPPGEDGRGRNTTIKERQP
;
_entity_poly.pdbx_strand_id   A
#
# COMPACT_ATOMS: atom_id res chain seq x y z
N ALA A 27 -3.35 34.07 6.21
CA ALA A 27 -4.64 33.63 6.72
C ALA A 27 -4.52 32.25 7.37
N CYS A 28 -5.56 31.44 7.21
CA CYS A 28 -5.54 30.08 7.75
C CYS A 28 -4.35 29.31 7.21
N SER A 29 -3.75 28.48 8.06
CA SER A 29 -2.49 27.80 7.73
C SER A 29 -2.60 26.93 6.49
N ASP A 30 -3.81 26.53 6.10
CA ASP A 30 -4.00 25.72 4.89
C ASP A 30 -3.71 26.49 3.61
N THR A 31 -3.62 27.83 3.68
CA THR A 31 -3.22 28.63 2.54
C THR A 31 -1.89 29.31 2.83
N PRO A 32 -0.79 28.57 2.91
CA PRO A 32 0.47 29.18 3.38
C PRO A 32 1.06 30.18 2.39
N ILE A 33 1.01 29.87 1.08
CA ILE A 33 1.70 30.69 0.09
C ILE A 33 0.91 31.93 -0.30
N ALA A 34 -0.33 32.07 0.17
CA ALA A 34 -1.16 33.21 -0.21
C ALA A 34 -0.53 34.53 0.18
N GLY A 35 0.22 34.56 1.29
CA GLY A 35 0.87 35.81 1.68
C GLY A 35 1.88 36.29 0.66
N LEU A 36 2.73 35.38 0.17
CA LEU A 36 3.74 35.75 -0.82
C LEU A 36 3.09 36.16 -2.14
N VAL A 37 2.07 35.42 -2.58
CA VAL A 37 1.48 35.67 -3.90
C VAL A 37 0.74 37.01 -3.92
N GLU A 38 -0.08 37.27 -2.89
CA GLU A 38 -0.79 38.55 -2.81
C GLU A 38 0.16 39.73 -2.89
N LEU A 39 1.43 39.54 -2.50
CA LEU A 39 2.42 40.60 -2.65
C LEU A 39 2.84 40.76 -4.09
N ALA A 40 3.25 39.65 -4.73
CA ALA A 40 3.66 39.72 -6.14
C ALA A 40 2.54 40.29 -7.01
N LEU A 41 1.31 39.82 -6.79
CA LEU A 41 0.16 40.29 -7.58
C LEU A 41 -0.02 41.80 -7.51
N SER A 42 0.43 42.42 -6.42
CA SER A 42 0.32 43.88 -6.30
C SER A 42 1.14 44.61 -7.36
N ALA A 43 2.13 43.95 -7.96
CA ALA A 43 2.90 44.56 -9.03
C ALA A 43 1.98 44.96 -10.18
N PRO A 44 2.23 46.10 -10.84
CA PRO A 44 1.27 46.58 -11.84
C PRO A 44 1.14 45.69 -13.06
N THR A 45 2.19 44.94 -13.41
CA THR A 45 2.12 44.07 -14.59
C THR A 45 0.97 43.08 -14.49
N PHE A 46 0.64 42.64 -13.27
CA PHE A 46 -0.56 41.84 -13.06
C PHE A 46 -1.81 42.72 -12.91
N GLN A 47 -1.64 43.92 -12.34
CA GLN A 47 -2.77 44.82 -12.16
C GLN A 47 -3.46 45.09 -13.49
N GLN A 48 -2.70 45.53 -14.49
CA GLN A 48 -3.23 45.67 -15.84
C GLN A 48 -3.74 44.32 -16.36
N LEU A 49 -2.94 43.27 -16.16
CA LEU A 49 -3.39 41.93 -16.52
C LEU A 49 -4.69 41.57 -15.80
N MET A 50 -4.81 41.97 -14.53
CA MET A 50 -6.09 41.84 -13.84
C MET A 50 -7.10 42.85 -14.36
N GLN A 51 -6.63 44.07 -14.67
CA GLN A 51 -7.53 45.09 -15.19
C GLN A 51 -8.05 44.72 -16.58
N ARG A 52 -7.14 44.37 -17.50
CA ARG A 52 -7.56 43.96 -18.83
C ARG A 52 -8.46 42.73 -18.76
N ALA A 53 -8.05 41.72 -18.00
CA ALA A 53 -8.91 40.57 -17.74
C ALA A 53 -9.85 40.83 -16.58
N GLY A 54 -10.53 41.97 -16.63
CA GLY A 54 -11.56 42.33 -15.67
C GLY A 54 -12.90 42.47 -16.35
N GLY A 55 -12.86 42.87 -17.62
CA GLY A 55 -14.03 42.92 -18.46
C GLY A 55 -14.34 41.63 -19.20
N ARG A 56 -13.66 40.54 -18.85
CA ARG A 56 -13.83 39.25 -19.50
C ARG A 56 -13.68 39.37 -21.03
N PRO A 57 -12.52 39.80 -21.52
CA PRO A 57 -12.36 39.99 -22.96
C PRO A 57 -12.45 38.67 -23.71
N ASP A 58 -13.32 38.62 -24.72
CA ASP A 58 -13.52 37.40 -25.48
C ASP A 58 -12.25 36.88 -26.13
N GLU A 59 -11.23 37.73 -26.27
CA GLU A 59 -9.93 37.32 -26.77
C GLU A 59 -8.85 37.80 -25.82
N LEU A 60 -7.73 37.09 -25.80
CA LEU A 60 -6.61 37.46 -24.95
C LEU A 60 -5.35 36.74 -25.43
N THR A 61 -4.20 37.36 -25.15
CA THR A 61 -2.91 36.79 -25.55
C THR A 61 -1.84 37.39 -24.65
N LEU A 62 -1.24 36.56 -23.80
CA LEU A 62 -0.17 36.97 -22.91
C LEU A 62 1.06 36.12 -23.16
N ILE A 63 2.22 36.76 -23.22
CA ILE A 63 3.50 36.09 -23.45
C ILE A 63 4.37 36.35 -22.23
N ALA A 64 4.36 35.41 -21.28
CA ALA A 64 5.11 35.49 -20.05
C ALA A 64 5.90 34.21 -19.86
N PRO A 65 6.92 34.22 -18.99
CA PRO A 65 7.73 33.02 -18.79
C PRO A 65 6.92 31.90 -18.14
N ALA A 66 7.07 30.69 -18.69
CA ALA A 66 6.27 29.56 -18.23
C ALA A 66 6.50 29.21 -16.77
N SER A 67 7.62 29.65 -16.19
CA SER A 67 7.90 29.38 -14.78
C SER A 67 6.93 30.06 -13.83
N ALA A 68 5.98 30.85 -14.35
CA ALA A 68 5.07 31.62 -13.52
C ALA A 68 3.61 31.35 -13.90
N ARG A 69 3.30 30.13 -14.33
CA ARG A 69 1.91 29.79 -14.67
C ARG A 69 0.96 29.99 -13.49
N LEU A 70 1.47 29.87 -12.27
CA LEU A 70 0.64 29.94 -11.07
C LEU A 70 -0.07 31.29 -10.94
N LEU A 71 0.70 32.36 -10.71
CA LEU A 71 0.09 33.65 -10.42
C LEU A 71 -0.49 34.31 -11.66
N VAL A 72 -0.12 33.85 -12.86
CA VAL A 72 -0.87 34.24 -14.06
C VAL A 72 -2.33 33.86 -13.89
N ALA A 73 -2.60 32.63 -13.45
CA ALA A 73 -3.95 32.24 -13.10
C ALA A 73 -4.43 33.01 -11.87
N SER A 74 -3.61 33.05 -10.81
CA SER A 74 -3.97 33.77 -9.60
C SER A 74 -4.20 35.27 -9.84
N ALA A 75 -3.84 35.79 -11.01
CA ALA A 75 -4.25 37.12 -11.43
C ALA A 75 -5.65 37.09 -12.04
N LEU A 76 -5.90 36.13 -12.92
CA LEU A 76 -7.20 35.98 -13.56
C LEU A 76 -8.22 35.30 -12.66
N ALA A 77 -7.77 34.61 -11.60
CA ALA A 77 -8.63 33.69 -10.87
C ALA A 77 -9.67 34.45 -10.03
N ARG A 78 -9.23 35.24 -9.06
CA ARG A 78 -10.18 35.87 -8.15
C ARG A 78 -11.08 36.87 -8.88
N GLN A 79 -10.56 37.49 -9.94
CA GLN A 79 -11.43 38.31 -10.80
C GLN A 79 -12.39 37.43 -11.58
N GLY A 80 -11.87 36.53 -12.41
CA GLY A 80 -12.70 35.61 -13.15
C GLY A 80 -12.48 34.17 -12.72
N PRO A 81 -13.47 33.58 -12.03
CA PRO A 81 -13.39 32.15 -11.72
C PRO A 81 -13.29 31.35 -13.00
N LEU A 82 -12.14 30.71 -13.23
CA LEU A 82 -11.82 30.18 -14.54
C LEU A 82 -11.32 28.74 -14.43
N LEU A 83 -11.28 28.08 -15.58
CA LEU A 83 -10.65 26.78 -15.75
C LEU A 83 -9.36 26.97 -16.53
N VAL A 84 -8.27 26.37 -16.05
CA VAL A 84 -6.98 26.44 -16.73
C VAL A 84 -6.69 25.09 -17.37
N VAL A 85 -5.88 25.12 -18.43
CA VAL A 85 -5.49 23.93 -19.17
C VAL A 85 -3.97 23.83 -19.14
N THR A 86 -3.46 22.67 -18.71
CA THR A 86 -2.05 22.37 -18.74
C THR A 86 -1.78 21.36 -19.86
N ALA A 87 -0.51 21.27 -20.26
CA ALA A 87 -0.13 20.34 -21.31
C ALA A 87 -0.40 18.90 -20.89
N THR A 88 0.29 18.44 -19.85
CA THR A 88 0.15 17.06 -19.37
C THR A 88 -0.53 17.04 -18.01
N GLY A 89 -0.81 15.82 -17.54
CA GLY A 89 -1.39 15.68 -16.22
C GLY A 89 -0.46 16.13 -15.12
N ARG A 90 0.82 15.78 -15.22
CA ARG A 90 1.80 16.26 -14.27
C ARG A 90 1.89 17.78 -14.29
N GLU A 91 1.75 18.38 -15.48
CA GLU A 91 1.72 19.84 -15.58
C GLU A 91 0.44 20.43 -15.00
N ALA A 92 -0.59 19.61 -14.80
CA ALA A 92 -1.78 20.07 -14.10
C ALA A 92 -1.61 19.98 -12.59
N ASP A 93 -1.08 18.86 -12.09
CA ASP A 93 -0.89 18.67 -10.65
C ASP A 93 0.06 19.71 -10.07
N ASP A 94 1.26 19.82 -10.66
CA ASP A 94 2.24 20.81 -10.19
C ASP A 94 1.65 22.21 -10.16
N LEU A 95 0.70 22.50 -11.06
CA LEU A 95 0.02 23.78 -11.01
C LEU A 95 -1.13 23.76 -10.00
N ALA A 96 -1.88 22.66 -9.94
CA ALA A 96 -3.02 22.57 -9.03
C ALA A 96 -2.60 22.77 -7.57
N ALA A 97 -1.41 22.31 -7.20
CA ALA A 97 -0.91 22.56 -5.85
C ALA A 97 -0.47 24.02 -5.70
N GLU A 98 0.17 24.59 -6.73
CA GLU A 98 0.57 25.99 -6.70
C GLU A 98 -0.63 26.92 -6.57
N LEU A 99 -1.84 26.44 -6.85
CA LEU A 99 -3.06 27.20 -6.63
C LEU A 99 -3.76 26.85 -5.32
N ARG A 100 -3.71 25.58 -4.90
CA ARG A 100 -4.30 25.21 -3.62
C ARG A 100 -3.53 25.84 -2.46
N GLY A 101 -2.21 25.94 -2.59
CA GLY A 101 -1.40 26.56 -1.56
C GLY A 101 -1.73 28.01 -1.30
N VAL A 102 -2.36 28.68 -2.26
CA VAL A 102 -2.78 30.08 -2.09
C VAL A 102 -4.30 30.20 -1.92
N PHE A 103 -5.09 29.45 -2.70
CA PHE A 103 -6.54 29.53 -2.62
C PHE A 103 -7.14 28.38 -1.83
N GLY A 104 -6.39 27.82 -0.89
CA GLY A 104 -6.88 26.74 -0.03
C GLY A 104 -7.48 25.58 -0.78
N ASP A 105 -8.79 25.38 -0.62
CA ASP A 105 -9.52 24.35 -1.34
C ASP A 105 -10.52 24.94 -2.33
N ALA A 106 -10.48 26.26 -2.55
CA ALA A 106 -11.36 26.87 -3.56
C ALA A 106 -11.01 26.40 -4.96
N VAL A 107 -9.75 26.07 -5.21
CA VAL A 107 -9.31 25.49 -6.48
C VAL A 107 -9.16 23.99 -6.30
N ALA A 108 -9.86 23.22 -7.15
CA ALA A 108 -9.80 21.76 -7.10
C ALA A 108 -9.28 21.23 -8.42
N LEU A 109 -8.41 20.22 -8.34
CA LEU A 109 -7.87 19.61 -9.53
C LEU A 109 -8.92 18.71 -10.19
N LEU A 110 -9.08 18.85 -11.50
CA LEU A 110 -9.93 17.95 -12.27
C LEU A 110 -9.04 16.86 -12.83
N PRO A 111 -9.01 15.67 -12.23
CA PRO A 111 -8.06 14.64 -12.68
C PRO A 111 -8.29 14.24 -14.12
N SER A 112 -7.23 14.32 -14.92
CA SER A 112 -7.29 13.76 -16.27
C SER A 112 -7.51 12.26 -16.19
N TRP A 113 -8.04 11.69 -17.26
CA TRP A 113 -8.26 10.26 -17.31
C TRP A 113 -6.93 9.54 -17.48
N GLU A 114 -7.02 8.21 -17.54
CA GLU A 114 -5.85 7.35 -17.73
C GLU A 114 -5.96 6.48 -18.97
N THR A 115 -7.13 5.92 -19.23
CA THR A 115 -7.34 5.00 -20.34
C THR A 115 -8.02 5.70 -21.50
N LEU A 116 -7.68 5.27 -22.71
CA LEU A 116 -8.27 5.84 -23.90
C LEU A 116 -9.74 5.40 -24.03
N PRO A 117 -10.59 6.23 -24.67
CA PRO A 117 -12.04 5.98 -24.58
C PRO A 117 -12.47 4.59 -25.05
N HIS A 118 -11.73 3.96 -25.95
CA HIS A 118 -12.04 2.64 -26.43
C HIS A 118 -11.12 1.57 -25.88
N GLU A 119 -10.26 1.92 -24.92
CA GLU A 119 -9.47 0.90 -24.24
C GLU A 119 -10.39 -0.03 -23.45
N ARG A 120 -9.94 -1.27 -23.28
CA ARG A 120 -10.70 -2.27 -22.54
C ARG A 120 -10.49 -2.16 -21.04
N LEU A 121 -9.92 -1.05 -20.57
CA LEU A 121 -9.62 -0.85 -19.16
C LEU A 121 -10.44 0.31 -18.64
N SER A 122 -11.34 0.02 -17.71
CA SER A 122 -12.03 1.08 -16.97
C SER A 122 -11.01 1.91 -16.22
N PRO A 123 -11.06 3.24 -16.30
CA PRO A 123 -10.08 4.06 -15.58
C PRO A 123 -10.20 3.94 -14.06
N GLY A 124 -9.31 4.61 -13.33
CA GLY A 124 -9.28 4.45 -11.89
C GLY A 124 -10.56 4.95 -11.23
N VAL A 125 -11.02 4.17 -10.24
CA VAL A 125 -12.22 4.55 -9.50
C VAL A 125 -12.01 5.88 -8.79
N ASP A 126 -10.83 6.06 -8.18
CA ASP A 126 -10.51 7.34 -7.55
C ASP A 126 -10.55 8.47 -8.57
N THR A 127 -9.97 8.26 -9.75
CA THR A 127 -10.00 9.28 -10.79
C THR A 127 -11.44 9.62 -11.18
N VAL A 128 -12.30 8.61 -11.28
CA VAL A 128 -13.71 8.86 -11.62
C VAL A 128 -14.37 9.70 -10.54
N GLY A 129 -14.38 9.21 -9.31
CA GLY A 129 -15.04 9.91 -8.23
C GLY A 129 -14.49 11.31 -8.01
N THR A 130 -13.15 11.42 -7.93
CA THR A 130 -12.52 12.73 -7.76
C THR A 130 -12.92 13.69 -8.86
N ARG A 131 -13.30 13.16 -10.04
CA ARG A 131 -13.85 14.00 -11.09
C ARG A 131 -15.32 14.32 -10.80
N LEU A 132 -16.11 13.28 -10.50
CA LEU A 132 -17.52 13.48 -10.17
C LEU A 132 -17.70 14.50 -9.05
N MET A 133 -16.86 14.39 -8.00
CA MET A 133 -16.88 15.37 -6.93
C MET A 133 -16.72 16.79 -7.46
N ALA A 134 -15.74 16.98 -8.35
CA ALA A 134 -15.51 18.30 -8.91
C ALA A 134 -16.73 18.80 -9.69
N LEU A 135 -17.33 17.94 -10.51
CA LEU A 135 -18.44 18.37 -11.36
C LEU A 135 -19.66 18.77 -10.55
N ARG A 136 -19.93 18.09 -9.42
CA ARG A 136 -21.07 18.49 -8.60
C ARG A 136 -20.79 19.76 -7.81
N ARG A 137 -19.51 20.04 -7.51
CA ARG A 137 -19.16 21.31 -6.87
C ARG A 137 -19.52 22.47 -7.79
N LEU A 138 -19.37 22.29 -9.10
CA LEU A 138 -19.70 23.34 -10.06
C LEU A 138 -21.18 23.71 -9.97
N ALA A 139 -22.07 22.72 -10.13
CA ALA A 139 -23.49 22.97 -10.12
C ALA A 139 -24.01 23.41 -8.76
N HIS A 140 -23.31 23.07 -7.68
CA HIS A 140 -23.72 23.43 -6.33
C HIS A 140 -22.52 23.99 -5.56
N PRO A 141 -22.02 25.16 -5.96
CA PRO A 141 -20.90 25.76 -5.22
C PRO A 141 -21.37 26.40 -3.92
N ASP A 142 -22.57 26.98 -3.95
CA ASP A 142 -23.18 27.56 -2.77
C ASP A 142 -23.71 26.49 -1.82
N ASP A 143 -23.99 25.29 -2.30
CA ASP A 143 -24.35 24.17 -1.44
C ASP A 143 -23.05 23.55 -0.96
N ALA A 144 -22.57 24.03 0.18
CA ALA A 144 -21.32 23.53 0.75
C ALA A 144 -21.54 22.27 1.57
N GLN A 145 -22.21 21.29 0.97
CA GLN A 145 -22.38 19.99 1.61
C GLN A 145 -21.07 19.21 1.70
N LEU A 146 -20.05 19.61 0.94
CA LEU A 146 -18.75 18.96 0.99
C LEU A 146 -17.59 19.94 1.16
N GLY A 147 -17.67 21.13 0.56
CA GLY A 147 -16.58 22.07 0.62
C GLY A 147 -16.93 23.46 0.11
N PRO A 148 -15.97 24.38 0.20
CA PRO A 148 -16.20 25.76 -0.26
C PRO A 148 -16.50 25.81 -1.75
N PRO A 149 -17.12 26.89 -2.23
CA PRO A 149 -17.39 27.00 -3.67
C PRO A 149 -16.11 27.05 -4.49
N LEU A 150 -16.13 26.37 -5.62
CA LEU A 150 -14.94 26.30 -6.47
C LEU A 150 -14.66 27.63 -7.13
N GLY A 151 -13.40 28.04 -7.12
CA GLY A 151 -12.98 29.24 -7.82
C GLY A 151 -12.20 28.93 -9.09
N VAL A 152 -11.30 27.95 -9.03
CA VAL A 152 -10.41 27.64 -10.14
C VAL A 152 -10.41 26.12 -10.36
N VAL A 153 -10.31 25.72 -11.63
CA VAL A 153 -10.24 24.31 -12.01
C VAL A 153 -9.02 24.13 -12.91
N VAL A 154 -8.37 22.96 -12.78
CA VAL A 154 -7.17 22.62 -13.52
C VAL A 154 -7.37 21.26 -14.17
N THR A 155 -7.01 21.12 -15.44
CA THR A 155 -7.01 19.83 -16.11
C THR A 155 -6.15 19.92 -17.36
N SER A 156 -5.66 18.76 -17.80
CA SER A 156 -5.01 18.66 -19.09
C SER A 156 -6.06 18.67 -20.20
N VAL A 157 -5.58 18.68 -21.45
CA VAL A 157 -6.49 18.67 -22.60
C VAL A 157 -7.28 17.36 -22.65
N ARG A 158 -6.70 16.26 -22.17
CA ARG A 158 -7.32 14.95 -22.32
C ARG A 158 -8.70 14.87 -21.68
N SER A 159 -8.98 15.73 -20.69
CA SER A 159 -10.33 15.87 -20.16
C SER A 159 -11.13 16.92 -20.92
N LEU A 160 -10.46 17.93 -21.48
CA LEU A 160 -11.14 18.96 -22.25
C LEU A 160 -11.77 18.39 -23.52
N LEU A 161 -11.15 17.37 -24.10
CA LEU A 161 -11.67 16.70 -25.28
C LEU A 161 -12.56 15.51 -24.93
N GLN A 162 -12.97 15.39 -23.68
CA GLN A 162 -13.81 14.27 -23.26
C GLN A 162 -15.26 14.53 -23.63
N PRO A 163 -15.87 13.74 -24.53
CA PRO A 163 -17.29 13.90 -24.83
C PRO A 163 -18.13 13.45 -23.64
N MET A 164 -18.20 14.29 -22.61
CA MET A 164 -18.83 13.91 -21.36
C MET A 164 -20.34 13.88 -21.53
N THR A 165 -20.96 12.77 -21.11
CA THR A 165 -22.40 12.75 -20.94
C THR A 165 -22.77 13.78 -19.86
N PRO A 166 -23.54 14.82 -20.20
CA PRO A 166 -23.65 15.98 -19.28
C PRO A 166 -24.37 15.69 -17.98
N GLN A 167 -25.14 14.60 -17.89
CA GLN A 167 -25.94 14.35 -16.70
C GLN A 167 -25.07 13.87 -15.54
N LEU A 168 -24.16 14.73 -15.09
CA LEU A 168 -23.29 14.45 -13.94
C LEU A 168 -23.48 15.46 -12.82
N GLY A 169 -23.37 16.76 -13.12
CA GLY A 169 -23.68 17.77 -12.12
C GLY A 169 -25.11 17.71 -11.64
N MET A 170 -25.99 17.08 -12.41
CA MET A 170 -27.36 16.80 -11.99
C MET A 170 -27.54 15.36 -11.51
N MET A 171 -26.46 14.58 -11.44
CA MET A 171 -26.53 13.23 -10.91
C MET A 171 -26.38 13.27 -9.39
N GLU A 172 -27.30 12.62 -8.68
CA GLU A 172 -27.26 12.71 -7.24
C GLU A 172 -26.47 11.56 -6.65
N PRO A 173 -25.49 11.84 -5.78
CA PRO A 173 -24.78 10.76 -5.08
C PRO A 173 -25.65 10.13 -4.01
N LEU A 174 -25.07 9.22 -3.21
CA LEU A 174 -25.81 8.62 -2.11
C LEU A 174 -25.30 9.25 -0.81
N THR A 175 -25.88 10.41 -0.47
CA THR A 175 -25.58 11.04 0.80
C THR A 175 -26.15 10.23 1.94
N LEU A 176 -25.43 10.17 3.05
CA LEU A 176 -25.90 9.49 4.24
C LEU A 176 -25.59 10.34 5.47
N THR A 177 -26.32 10.08 6.55
CA THR A 177 -26.14 10.77 7.81
C THR A 177 -26.52 9.82 8.94
N VAL A 178 -26.01 10.09 10.14
CA VAL A 178 -26.19 9.18 11.26
C VAL A 178 -27.67 9.02 11.60
N GLY A 179 -28.40 10.13 11.63
CA GLY A 179 -29.81 10.08 11.97
C GLY A 179 -30.75 9.65 10.86
N ASP A 180 -30.22 9.22 9.72
CA ASP A 180 -31.05 8.94 8.56
C ASP A 180 -32.03 7.80 8.83
N GLU A 181 -33.04 7.71 7.96
CA GLU A 181 -34.05 6.67 8.00
C GLU A 181 -34.02 5.81 6.73
N SER A 182 -32.93 5.86 5.98
CA SER A 182 -32.86 5.20 4.69
C SER A 182 -33.02 3.69 4.86
N PRO A 183 -33.83 3.04 4.02
CA PRO A 183 -34.04 1.60 4.18
C PRO A 183 -32.79 0.81 3.78
N PHE A 184 -32.67 -0.38 4.38
CA PHE A 184 -31.48 -1.21 4.16
C PHE A 184 -31.35 -1.63 2.70
N ASP A 185 -32.31 -2.44 2.22
CA ASP A 185 -32.21 -3.03 0.88
C ASP A 185 -32.32 -1.98 -0.22
N GLY A 186 -32.73 -0.77 0.09
CA GLY A 186 -32.73 0.32 -0.87
C GLY A 186 -31.37 0.98 -1.02
N VAL A 187 -30.67 1.14 0.11
CA VAL A 187 -29.36 1.80 0.09
C VAL A 187 -28.39 1.02 -0.80
N VAL A 188 -28.32 -0.30 -0.61
CA VAL A 188 -27.49 -1.13 -1.47
C VAL A 188 -27.96 -1.05 -2.92
N ALA A 189 -29.27 -0.98 -3.14
CA ALA A 189 -29.83 -0.90 -4.48
C ALA A 189 -29.32 0.31 -5.26
N ARG A 190 -28.91 1.38 -4.56
CA ARG A 190 -28.28 2.51 -5.24
C ARG A 190 -26.77 2.34 -5.35
N LEU A 191 -26.14 1.75 -4.33
CA LEU A 191 -24.72 1.40 -4.42
C LEU A 191 -24.46 0.52 -5.63
N VAL A 192 -25.21 -0.58 -5.76
CA VAL A 192 -25.06 -1.47 -6.91
C VAL A 192 -25.38 -0.74 -8.21
N GLU A 193 -26.24 0.29 -8.14
CA GLU A 193 -26.49 1.12 -9.31
C GLU A 193 -25.36 2.12 -9.54
N LEU A 194 -24.64 2.51 -8.49
CA LEU A 194 -23.51 3.42 -8.59
C LEU A 194 -22.20 2.68 -8.89
N ALA A 195 -22.28 1.48 -9.48
CA ALA A 195 -21.12 0.68 -9.83
C ALA A 195 -20.24 0.39 -8.61
N TYR A 196 -20.83 -0.33 -7.65
CA TYR A 196 -20.13 -0.80 -6.47
C TYR A 196 -20.14 -2.33 -6.47
N THR A 197 -18.97 -2.92 -6.23
CA THR A 197 -18.80 -4.36 -6.32
C THR A 197 -18.94 -4.97 -4.93
N ARG A 198 -19.95 -5.82 -4.76
CA ARG A 198 -20.08 -6.58 -3.53
C ARG A 198 -18.91 -7.54 -3.41
N VAL A 199 -18.39 -7.68 -2.18
CA VAL A 199 -17.20 -8.49 -1.91
C VAL A 199 -17.35 -9.11 -0.54
N ASP A 200 -16.45 -10.04 -0.21
CA ASP A 200 -16.38 -10.57 1.14
C ASP A 200 -15.94 -9.48 2.11
N MET A 201 -14.76 -8.92 1.90
CA MET A 201 -14.24 -7.82 2.69
C MET A 201 -13.79 -6.70 1.77
N VAL A 202 -13.94 -5.46 2.25
CA VAL A 202 -13.57 -4.30 1.45
C VAL A 202 -12.06 -4.33 1.21
N GLY A 203 -11.66 -4.47 -0.05
CA GLY A 203 -10.25 -4.49 -0.40
C GLY A 203 -9.76 -3.18 -1.00
N ARG A 204 -10.53 -2.61 -1.92
CA ARG A 204 -10.12 -1.44 -2.67
C ARG A 204 -11.30 -0.48 -2.79
N ARG A 205 -11.00 0.74 -3.27
CA ARG A 205 -12.05 1.71 -3.52
C ARG A 205 -12.97 1.21 -4.63
N GLY A 206 -14.26 1.50 -4.49
CA GLY A 206 -15.24 0.95 -5.38
C GLY A 206 -15.75 -0.42 -4.99
N GLU A 207 -15.72 -0.73 -3.69
CA GLU A 207 -16.20 -2.02 -3.18
C GLU A 207 -17.08 -1.76 -1.96
N PHE A 208 -17.72 -2.83 -1.49
CA PHE A 208 -18.56 -2.78 -0.30
C PHE A 208 -18.98 -4.19 0.05
N ALA A 209 -19.29 -4.39 1.34
CA ALA A 209 -19.75 -5.68 1.83
C ALA A 209 -20.87 -5.44 2.84
N VAL A 210 -21.75 -6.42 2.98
CA VAL A 210 -22.91 -6.32 3.85
C VAL A 210 -22.78 -7.36 4.96
N ARG A 211 -22.71 -6.88 6.20
CA ARG A 211 -22.76 -7.74 7.37
C ARG A 211 -24.22 -7.88 7.80
N GLY A 212 -24.45 -8.43 8.99
CA GLY A 212 -25.82 -8.53 9.48
C GLY A 212 -26.29 -7.22 10.07
N GLY A 213 -27.07 -6.49 9.29
CA GLY A 213 -27.51 -5.16 9.68
C GLY A 213 -26.42 -4.12 9.81
N ILE A 214 -25.22 -4.40 9.29
CA ILE A 214 -24.09 -3.48 9.32
C ILE A 214 -23.52 -3.39 7.91
N LEU A 215 -23.17 -2.19 7.47
CA LEU A 215 -22.75 -1.94 6.10
C LEU A 215 -21.32 -1.39 6.08
N ASP A 216 -20.48 -2.03 5.28
CA ASP A 216 -19.11 -1.58 5.03
C ASP A 216 -19.00 -1.17 3.57
N ILE A 217 -18.67 0.10 3.32
CA ILE A 217 -18.49 0.61 1.97
C ILE A 217 -17.18 1.40 1.92
N PHE A 218 -16.75 1.69 0.69
CA PHE A 218 -15.51 2.42 0.44
C PHE A 218 -15.78 3.50 -0.60
N ALA A 219 -15.96 4.74 -0.13
CA ALA A 219 -16.10 5.86 -1.04
C ALA A 219 -14.79 6.07 -1.80
N PRO A 220 -14.84 6.46 -3.07
CA PRO A 220 -13.60 6.65 -3.83
C PRO A 220 -12.86 7.93 -3.50
N THR A 221 -13.53 8.92 -2.89
CA THR A 221 -12.94 10.22 -2.62
C THR A 221 -12.35 10.33 -1.21
N ALA A 222 -12.32 9.23 -0.46
CA ALA A 222 -11.86 9.24 0.92
C ALA A 222 -10.54 8.51 1.06
N GLU A 223 -9.75 8.91 2.05
CA GLU A 223 -8.52 8.21 2.39
C GLU A 223 -8.77 6.94 3.19
N HIS A 224 -9.98 6.77 3.71
CA HIS A 224 -10.36 5.60 4.49
C HIS A 224 -11.81 5.25 4.19
N PRO A 225 -12.16 3.96 4.22
CA PRO A 225 -13.57 3.59 4.05
C PRO A 225 -14.39 3.93 5.28
N VAL A 226 -15.66 3.54 5.31
CA VAL A 226 -16.52 3.76 6.46
C VAL A 226 -17.25 2.47 6.79
N ARG A 227 -17.92 2.48 7.94
CA ARG A 227 -18.76 1.37 8.41
C ARG A 227 -20.04 2.00 8.95
N VAL A 228 -21.04 2.12 8.09
CA VAL A 228 -22.32 2.72 8.47
C VAL A 228 -23.19 1.65 9.10
N GLU A 229 -23.48 1.80 10.40
CA GLU A 229 -24.20 0.80 11.17
C GLU A 229 -25.70 1.10 11.13
N PHE A 230 -26.50 0.06 10.85
CA PHE A 230 -27.93 0.19 10.72
C PHE A 230 -28.65 -0.45 11.92
N TRP A 231 -29.79 0.13 12.27
CA TRP A 231 -30.76 -0.48 13.17
C TRP A 231 -32.06 -0.55 12.38
N GLY A 232 -32.32 -1.71 11.75
CA GLY A 232 -33.45 -1.79 10.86
C GLY A 232 -33.31 -0.80 9.72
N ASP A 233 -34.10 0.28 9.78
CA ASP A 233 -34.01 1.37 8.82
C ASP A 233 -33.40 2.64 9.40
N GLU A 234 -32.99 2.63 10.67
CA GLU A 234 -32.34 3.77 11.29
C GLU A 234 -30.84 3.50 11.41
N ILE A 235 -30.02 4.46 10.98
CA ILE A 235 -28.58 4.32 11.07
C ILE A 235 -28.15 4.57 12.52
N THR A 236 -27.36 3.64 13.07
CA THR A 236 -26.91 3.77 14.45
C THR A 236 -25.56 4.47 14.56
N GLU A 237 -24.67 4.27 13.60
CA GLU A 237 -23.31 4.80 13.70
C GLU A 237 -22.68 4.87 12.32
N MET A 238 -21.69 5.76 12.20
CA MET A 238 -20.81 5.81 11.05
C MET A 238 -19.39 6.05 11.55
N ARG A 239 -18.48 5.17 11.17
CA ARG A 239 -17.09 5.28 11.62
C ARG A 239 -16.17 4.63 10.59
N MET A 240 -15.08 5.32 10.27
CA MET A 240 -14.10 4.79 9.35
C MET A 240 -13.43 3.56 9.96
N PHE A 241 -12.73 2.81 9.11
CA PHE A 241 -12.01 1.64 9.56
C PHE A 241 -10.85 1.37 8.61
N SER A 242 -9.78 0.81 9.16
CA SER A 242 -8.54 0.57 8.42
C SER A 242 -8.60 -0.80 7.73
N VAL A 243 -8.50 -0.80 6.40
CA VAL A 243 -8.55 -2.04 5.62
C VAL A 243 -7.47 -3.03 6.04
N ALA A 244 -6.38 -2.55 6.66
CA ALA A 244 -5.30 -3.43 7.08
C ALA A 244 -5.81 -4.57 7.95
N ASP A 245 -6.37 -4.24 9.11
CA ASP A 245 -6.97 -5.23 10.00
C ASP A 245 -8.50 -5.22 9.97
N GLN A 246 -9.10 -4.42 9.10
CA GLN A 246 -10.55 -4.23 9.03
C GLN A 246 -11.15 -3.79 10.36
N ARG A 247 -10.31 -3.32 11.28
CA ARG A 247 -10.78 -2.77 12.54
C ARG A 247 -11.09 -1.28 12.38
N SER A 248 -11.99 -0.79 13.22
CA SER A 248 -12.36 0.62 13.17
C SER A 248 -11.21 1.49 13.69
N ILE A 249 -11.44 2.79 13.66
CA ILE A 249 -10.53 3.76 14.26
C ILE A 249 -11.38 4.76 15.05
N PRO A 250 -11.05 5.02 16.32
CA PRO A 250 -11.84 5.96 17.12
C PRO A 250 -11.34 7.40 17.06
N GLU A 251 -10.20 7.64 16.42
CA GLU A 251 -9.61 8.97 16.40
C GLU A 251 -10.56 9.99 15.78
N ILE A 252 -11.21 9.65 14.67
CA ILE A 252 -12.08 10.55 13.94
C ILE A 252 -13.47 9.94 13.89
N ASP A 253 -14.45 10.67 14.45
CA ASP A 253 -15.85 10.28 14.38
C ASP A 253 -16.55 11.16 13.35
N ILE A 254 -17.11 10.55 12.32
CA ILE A 254 -17.87 11.27 11.31
C ILE A 254 -19.32 10.79 11.38
N HIS A 255 -20.22 11.67 10.92
CA HIS A 255 -21.65 11.42 11.00
C HIS A 255 -22.35 11.47 9.66
N THR A 256 -21.62 11.68 8.56
CA THR A 256 -22.22 11.74 7.24
C THR A 256 -21.19 11.34 6.20
N LEU A 257 -21.68 10.83 5.06
CA LEU A 257 -20.81 10.38 3.98
C LEU A 257 -21.40 10.79 2.64
N VAL A 258 -20.52 10.94 1.64
CA VAL A 258 -20.90 11.25 0.27
C VAL A 258 -20.02 10.39 -0.63
N ALA A 259 -20.62 9.46 -1.37
CA ALA A 259 -19.89 8.51 -2.20
C ALA A 259 -20.45 8.55 -3.62
N PHE A 260 -19.77 9.27 -4.51
CA PHE A 260 -20.16 9.29 -5.91
C PHE A 260 -19.92 7.93 -6.55
N ALA A 261 -20.53 7.72 -7.71
CA ALA A 261 -20.37 6.46 -8.43
C ALA A 261 -18.92 6.30 -8.90
N CYS A 262 -18.63 5.12 -9.43
CA CYS A 262 -17.29 4.78 -9.90
C CYS A 262 -17.16 4.77 -11.42
N ARG A 263 -18.23 5.09 -12.14
CA ARG A 263 -18.18 5.08 -13.60
C ARG A 263 -18.96 6.27 -14.15
N GLU A 264 -18.60 6.67 -15.37
CA GLU A 264 -19.24 7.80 -16.05
C GLU A 264 -20.30 7.30 -17.02
N LEU A 265 -21.36 6.74 -16.45
CA LEU A 265 -22.50 6.25 -17.24
C LEU A 265 -23.73 6.03 -16.36
N LEU A 267 -25.98 3.61 -14.96
CA LEU A 267 -26.49 2.49 -15.74
C LEU A 267 -27.93 2.18 -15.35
N SER A 268 -28.84 3.07 -15.73
CA SER A 268 -30.26 2.84 -15.47
C SER A 268 -30.80 1.78 -16.43
N GLU A 269 -32.08 1.44 -16.25
CA GLU A 269 -32.73 0.48 -17.13
C GLU A 269 -32.87 0.99 -18.56
N ASP A 270 -32.61 2.27 -18.80
CA ASP A 270 -32.77 2.84 -20.14
C ASP A 270 -31.77 2.25 -21.12
N VAL A 271 -30.54 2.03 -20.67
CA VAL A 271 -29.47 1.62 -21.59
C VAL A 271 -29.40 0.11 -21.83
N ARG A 272 -30.07 -0.69 -21.00
CA ARG A 272 -30.05 -2.14 -21.20
C ARG A 272 -30.58 -2.50 -22.58
N ALA A 273 -31.66 -1.85 -23.01
CA ALA A 273 -32.18 -2.06 -24.36
C ALA A 273 -31.15 -1.64 -25.41
N ARG A 274 -30.47 -0.52 -25.18
CA ARG A 274 -29.45 0.00 -26.09
C ARG A 274 -28.16 -0.83 -26.09
N ALA A 275 -28.14 -2.00 -25.44
CA ALA A 275 -26.97 -2.86 -25.40
C ALA A 275 -27.18 -4.15 -26.19
N ALA A 276 -28.20 -4.94 -25.84
CA ALA A 276 -28.45 -6.19 -26.57
C ALA A 276 -28.91 -5.92 -27.99
N GLN A 277 -29.67 -4.85 -28.21
CA GLN A 277 -30.12 -4.49 -29.56
C GLN A 277 -28.98 -4.15 -30.50
N LEU A 278 -27.75 -4.06 -29.99
CA LEU A 278 -26.59 -3.76 -30.82
C LEU A 278 -25.55 -4.87 -30.71
N ALA A 293 -16.37 -8.91 -26.85
CA ALA A 293 -17.15 -7.70 -27.06
C ALA A 293 -18.65 -8.01 -27.05
N SER A 294 -19.01 -9.19 -27.58
CA SER A 294 -20.41 -9.60 -27.63
C SER A 294 -21.00 -9.67 -26.23
N ASP A 295 -20.38 -10.43 -25.34
CA ASP A 295 -20.90 -10.59 -23.98
C ASP A 295 -20.92 -9.26 -23.24
N MET A 296 -20.02 -8.33 -23.57
CA MET A 296 -19.97 -7.05 -22.88
C MET A 296 -21.32 -6.34 -22.95
N LEU A 297 -21.76 -5.98 -24.16
CA LEU A 297 -23.07 -5.39 -24.33
C LEU A 297 -24.18 -6.34 -23.91
N ALA A 298 -23.99 -7.64 -24.15
CA ALA A 298 -24.98 -8.62 -23.70
C ALA A 298 -25.09 -8.60 -22.18
N LYS A 299 -23.97 -8.72 -21.47
CA LYS A 299 -23.98 -8.57 -20.02
C LYS A 299 -24.39 -7.16 -19.62
N LEU A 300 -24.09 -6.16 -20.46
CA LEU A 300 -24.54 -4.80 -20.18
C LEU A 300 -26.06 -4.70 -20.22
N ALA A 301 -26.68 -5.34 -21.22
CA ALA A 301 -28.14 -5.42 -21.26
C ALA A 301 -28.67 -6.15 -20.03
N GLU A 302 -27.95 -7.18 -19.58
CA GLU A 302 -28.28 -7.83 -18.33
C GLU A 302 -27.80 -6.98 -17.16
N GLY A 303 -28.00 -7.49 -15.95
CA GLY A 303 -27.49 -6.81 -14.77
C GLY A 303 -26.07 -7.22 -14.44
N ILE A 304 -25.26 -7.46 -15.46
CA ILE A 304 -23.91 -7.97 -15.30
C ILE A 304 -22.97 -6.88 -15.82
N ALA A 305 -22.52 -6.02 -14.91
CA ALA A 305 -21.54 -5.00 -15.28
C ALA A 305 -20.17 -5.64 -15.48
N VAL A 306 -19.52 -5.31 -16.58
CA VAL A 306 -18.24 -5.91 -16.95
C VAL A 306 -17.20 -4.80 -17.11
N ASP A 307 -15.93 -5.16 -16.93
CA ASP A 307 -14.87 -4.20 -17.17
C ASP A 307 -14.86 -3.77 -18.64
N GLY A 308 -14.32 -2.59 -18.89
CA GLY A 308 -14.31 -2.05 -20.24
C GLY A 308 -15.63 -1.49 -20.72
N MET A 309 -16.62 -1.35 -19.85
CA MET A 309 -17.89 -0.74 -20.24
C MET A 309 -17.71 0.64 -20.85
N GLU A 310 -16.67 1.36 -20.43
CA GLU A 310 -16.46 2.74 -20.84
C GLU A 310 -16.33 2.89 -22.35
N ALA A 311 -16.00 1.83 -23.08
CA ALA A 311 -15.93 1.85 -24.53
C ALA A 311 -17.31 1.87 -25.21
N VAL A 312 -18.41 1.98 -24.47
CA VAL A 312 -19.75 1.98 -25.05
C VAL A 312 -20.48 3.31 -24.76
N LEU A 313 -19.74 4.33 -24.34
CA LEU A 313 -20.31 5.63 -24.03
C LEU A 313 -20.86 6.34 -25.26
N PRO A 314 -20.15 6.37 -26.41
CA PRO A 314 -20.74 7.04 -27.59
C PRO A 314 -22.00 6.38 -28.10
N VAL A 315 -22.06 5.04 -28.08
CA VAL A 315 -23.23 4.34 -28.60
C VAL A 315 -24.44 4.54 -27.68
N LEU A 316 -24.24 4.39 -26.37
CA LEU A 316 -25.32 4.54 -25.41
C LEU A 316 -25.76 5.99 -25.29
N ASP A 319 -27.40 11.38 -28.48
CA ASP A 319 -26.33 12.36 -28.66
C ASP A 319 -26.04 13.09 -27.35
N GLY A 320 -25.67 14.37 -27.46
CA GLY A 320 -25.39 15.18 -26.29
C GLY A 320 -23.93 15.27 -25.95
N HIS A 321 -23.08 15.54 -26.95
CA HIS A 321 -21.65 15.65 -26.75
C HIS A 321 -21.30 16.98 -26.06
N ALA A 322 -21.85 17.15 -24.86
CA ALA A 322 -21.65 18.37 -24.10
C ALA A 322 -20.21 18.41 -23.60
N LEU A 323 -19.39 19.23 -24.25
CA LEU A 323 -17.98 19.36 -23.87
C LEU A 323 -17.88 20.04 -22.50
N LEU A 324 -16.64 20.19 -22.02
CA LEU A 324 -16.42 20.75 -20.70
C LEU A 324 -16.94 22.18 -20.60
N THR A 325 -16.79 22.96 -21.68
CA THR A 325 -17.34 24.31 -21.71
C THR A 325 -18.86 24.28 -21.60
N ASP A 326 -19.50 23.17 -21.97
CA ASP A 326 -20.93 22.98 -21.75
C ASP A 326 -21.23 22.44 -20.36
N GLN A 327 -20.20 22.09 -19.58
CA GLN A 327 -20.35 21.77 -18.17
C GLN A 327 -19.77 22.83 -17.25
N LEU A 328 -18.95 23.75 -17.78
CA LEU A 328 -18.47 24.87 -16.99
C LEU A 328 -19.64 25.72 -16.51
N PRO A 329 -19.47 26.46 -15.42
CA PRO A 329 -20.50 27.43 -15.03
C PRO A 329 -20.62 28.53 -16.08
N ASP A 330 -21.76 29.23 -16.03
CA ASP A 330 -22.06 30.24 -17.04
C ASP A 330 -21.03 31.35 -17.02
N GLY A 331 -20.51 31.69 -18.19
CA GLY A 331 -19.58 32.79 -18.35
C GLY A 331 -18.30 32.67 -17.55
N THR A 332 -17.45 31.72 -17.92
CA THR A 332 -16.12 31.59 -17.31
C THR A 332 -15.10 31.31 -18.40
N PRO A 333 -13.95 31.96 -18.36
CA PRO A 333 -12.95 31.80 -19.43
C PRO A 333 -12.14 30.52 -19.24
N VAL A 334 -11.24 30.28 -20.20
CA VAL A 334 -10.37 29.12 -20.20
C VAL A 334 -8.96 29.60 -20.51
N LEU A 335 -8.05 29.46 -19.56
CA LEU A 335 -6.65 29.79 -19.79
C LEU A 335 -5.92 28.60 -20.40
N VAL A 336 -5.04 28.88 -21.36
CA VAL A 336 -4.32 27.84 -22.09
C VAL A 336 -2.83 28.10 -21.95
N CYS A 337 -2.08 27.05 -21.61
CA CYS A 337 -0.63 27.13 -21.42
C CYS A 337 0.07 26.30 -22.50
N ASP A 338 1.13 26.86 -23.06
CA ASP A 338 1.95 26.23 -24.09
C ASP A 338 1.09 25.71 -25.23
N PRO A 339 0.54 26.59 -26.08
CA PRO A 339 -0.31 26.12 -27.18
C PRO A 339 0.39 25.16 -28.12
N GLU A 340 1.65 25.44 -28.47
CA GLU A 340 2.44 24.54 -29.31
C GLU A 340 2.62 23.16 -28.69
N LYS A 341 2.35 23.01 -27.39
CA LYS A 341 2.35 21.69 -26.76
C LYS A 341 0.97 21.05 -26.82
N VAL A 342 -0.05 21.74 -26.30
CA VAL A 342 -1.39 21.17 -26.23
C VAL A 342 -1.92 20.85 -27.62
N ARG A 343 -1.58 21.67 -28.62
CA ARG A 343 -1.91 21.36 -30.00
C ARG A 343 -1.32 20.02 -30.41
N THR A 344 0.00 19.88 -30.28
CA THR A 344 0.65 18.59 -30.52
C THR A 344 0.08 17.51 -29.60
N ARG A 345 -0.11 17.83 -28.32
CA ARG A 345 -0.68 16.88 -27.38
C ARG A 345 -2.08 16.45 -27.82
N ALA A 346 -2.88 17.39 -28.32
CA ALA A 346 -4.20 17.04 -28.84
C ALA A 346 -4.10 16.00 -29.93
N ALA A 347 -3.22 16.22 -30.91
CA ALA A 347 -3.03 15.26 -31.98
C ALA A 347 -2.61 13.89 -31.45
N ASP A 348 -1.67 13.87 -30.49
CA ASP A 348 -1.21 12.62 -29.91
C ASP A 348 -2.36 11.85 -29.26
N LEU A 349 -3.20 12.56 -28.50
CA LEU A 349 -4.40 11.93 -27.95
C LEU A 349 -5.34 11.47 -29.05
N ILE A 350 -5.41 12.22 -30.15
CA ILE A 350 -6.32 11.88 -31.24
C ILE A 350 -5.85 10.61 -31.95
N ARG A 351 -4.57 10.55 -32.32
CA ARG A 351 -4.08 9.38 -33.05
C ARG A 351 -4.15 8.13 -32.19
N THR A 352 -3.88 8.26 -30.88
CA THR A 352 -3.96 7.10 -29.98
C THR A 352 -5.36 6.50 -30.01
N GLY A 353 -6.39 7.36 -30.09
CA GLY A 353 -7.76 6.90 -30.22
C GLY A 353 -7.95 5.92 -31.34
N ARG A 354 -7.80 6.39 -32.59
CA ARG A 354 -7.90 5.49 -33.74
C ARG A 354 -6.92 4.34 -33.63
N GLU A 355 -5.72 4.61 -33.11
CA GLU A 355 -4.75 3.54 -32.87
C GLU A 355 -5.28 2.51 -31.88
N PHE A 356 -6.23 2.89 -31.02
CA PHE A 356 -6.83 1.96 -30.08
C PHE A 356 -8.13 1.35 -30.59
N LEU A 357 -8.91 2.10 -31.36
CA LEU A 357 -10.14 1.54 -31.93
C LEU A 357 -9.81 0.40 -32.88
N GLU A 358 -8.91 0.64 -33.85
CA GLU A 358 -8.47 -0.44 -34.73
C GLU A 358 -7.75 -1.54 -33.96
N ALA A 359 -7.25 -1.24 -32.76
CA ALA A 359 -6.78 -2.30 -31.88
C ALA A 359 -7.95 -3.08 -31.29
N SER A 360 -9.04 -2.39 -30.93
CA SER A 360 -10.22 -3.06 -30.41
C SER A 360 -10.88 -3.97 -31.43
N TRP A 361 -10.66 -3.72 -32.72
CA TRP A 361 -11.21 -4.58 -33.76
C TRP A 361 -10.37 -5.84 -33.90
N SER A 362 -10.18 -6.54 -32.78
CA SER A 362 -9.35 -7.75 -32.73
C SER A 362 -10.07 -8.75 -31.82
N VAL A 363 -10.90 -9.60 -32.44
CA VAL A 363 -11.65 -10.60 -31.70
C VAL A 363 -11.67 -11.91 -32.48
N SER A 383 -11.41 9.42 -34.64
CA SER A 383 -12.23 8.86 -33.58
C SER A 383 -11.64 9.15 -32.21
N GLY A 384 -12.33 8.71 -31.16
CA GLY A 384 -11.90 8.97 -29.81
C GLY A 384 -12.34 10.34 -29.32
N PHE A 385 -11.41 11.29 -29.32
CA PHE A 385 -11.70 12.64 -28.87
C PHE A 385 -12.06 13.54 -30.05
N VAL A 386 -12.92 14.52 -29.77
CA VAL A 386 -13.29 15.48 -30.80
C VAL A 386 -12.10 16.39 -31.12
N GLU A 387 -12.12 16.97 -32.31
CA GLU A 387 -11.05 17.87 -32.73
C GLU A 387 -10.96 19.08 -31.82
N LEU A 388 -9.76 19.66 -31.74
CA LEU A 388 -9.55 20.82 -30.86
C LEU A 388 -10.29 22.05 -31.38
N ASP A 389 -10.16 22.34 -32.68
CA ASP A 389 -10.78 23.54 -33.24
C ASP A 389 -12.29 23.53 -33.07
N GLN A 390 -12.92 22.35 -33.17
CA GLN A 390 -14.37 22.27 -32.98
C GLN A 390 -14.74 22.50 -31.52
N VAL A 391 -13.99 21.88 -30.60
CA VAL A 391 -14.20 22.14 -29.17
C VAL A 391 -13.95 23.61 -28.87
N ARG A 392 -12.95 24.21 -29.52
CA ARG A 392 -12.71 25.64 -29.39
C ARG A 392 -13.89 26.43 -29.94
N ALA A 393 -14.51 25.95 -31.02
CA ALA A 393 -15.62 26.65 -31.65
C ALA A 393 -16.85 26.76 -30.76
N ALA A 394 -16.90 26.01 -29.65
CA ALA A 394 -17.99 26.12 -28.69
C ALA A 394 -17.69 27.10 -27.57
N ALA A 395 -16.42 27.42 -27.34
CA ALA A 395 -16.06 28.37 -26.29
C ALA A 395 -16.72 29.72 -26.54
N ALA A 396 -16.37 30.38 -27.65
CA ALA A 396 -17.03 31.63 -28.02
C ALA A 396 -18.46 31.40 -28.56
N ARG A 397 -18.93 30.16 -28.53
CA ARG A 397 -20.30 29.83 -28.86
C ARG A 397 -21.17 29.57 -27.64
N THR A 398 -20.56 29.28 -26.49
CA THR A 398 -21.28 29.04 -25.24
C THR A 398 -20.98 30.12 -24.20
N GLY A 399 -20.32 31.21 -24.60
CA GLY A 399 -19.98 32.28 -23.68
C GLY A 399 -18.74 31.98 -22.86
N HIS A 400 -17.68 31.55 -23.52
CA HIS A 400 -16.43 31.20 -22.85
C HIS A 400 -15.25 31.78 -23.63
N PRO A 401 -14.53 32.76 -23.07
CA PRO A 401 -13.34 33.27 -23.76
C PRO A 401 -12.24 32.22 -23.91
N TRP A 402 -11.15 32.59 -24.58
CA TRP A 402 -10.05 31.66 -24.84
C TRP A 402 -8.75 32.46 -24.70
N TRP A 403 -8.04 32.25 -23.59
CA TRP A 403 -6.85 33.01 -23.26
C TRP A 403 -5.61 32.14 -23.45
N THR A 404 -4.54 32.75 -23.95
CA THR A 404 -3.33 32.04 -24.34
C THR A 404 -2.17 32.49 -23.48
N LEU A 405 -1.33 31.52 -23.10
CA LEU A 405 -0.09 31.78 -22.37
C LEU A 405 1.06 31.11 -23.11
N SER A 406 2.19 31.80 -23.21
CA SER A 406 3.35 31.26 -23.90
C SER A 406 4.60 31.98 -23.40
N GLN A 407 5.70 31.24 -23.30
CA GLN A 407 6.99 31.80 -22.95
C GLN A 407 7.83 32.18 -24.17
N LEU A 408 7.41 31.76 -25.37
CA LEU A 408 8.10 32.16 -26.58
C LEU A 408 7.98 33.66 -26.80
N SER A 409 9.03 34.24 -27.39
CA SER A 409 9.06 35.68 -27.62
C SER A 409 7.95 36.11 -28.57
N ASP A 410 7.35 37.25 -28.27
CA ASP A 410 6.24 37.76 -29.06
C ASP A 410 6.12 39.27 -28.87
N GLU A 411 5.90 39.98 -29.96
CA GLU A 411 5.59 41.41 -29.92
C GLU A 411 4.12 41.71 -30.18
N SER A 412 3.40 40.81 -30.85
CA SER A 412 1.97 41.02 -31.08
C SER A 412 1.18 40.92 -29.77
N ALA A 413 1.44 39.90 -28.98
CA ALA A 413 0.71 39.66 -27.74
C ALA A 413 1.17 40.64 -26.66
N ILE A 414 0.71 40.42 -25.43
CA ILE A 414 1.06 41.27 -24.30
C ILE A 414 2.18 40.58 -23.54
N GLU A 415 3.40 41.08 -23.71
CA GLU A 415 4.52 40.59 -22.92
C GLU A 415 4.44 41.15 -21.51
N LEU A 416 4.65 40.28 -20.52
CA LEU A 416 4.62 40.67 -19.11
C LEU A 416 6.05 40.84 -18.61
N ASP A 417 6.25 41.85 -17.77
CA ASP A 417 7.59 42.21 -17.33
C ASP A 417 8.21 41.18 -16.36
N VAL A 418 7.48 40.14 -15.99
CA VAL A 418 8.04 39.09 -15.14
C VAL A 418 9.02 38.26 -15.96
N ARG A 419 10.12 37.88 -15.32
CA ARG A 419 11.17 37.11 -15.98
C ARG A 419 11.43 35.82 -15.20
N ALA A 420 12.26 34.96 -15.79
CA ALA A 420 12.63 33.71 -15.15
C ALA A 420 13.57 33.98 -13.97
N ALA A 421 13.99 32.91 -13.31
CA ALA A 421 14.84 32.96 -12.14
C ALA A 421 15.98 31.97 -12.31
N PRO A 422 17.09 32.16 -11.60
CA PRO A 422 18.24 31.25 -11.77
C PRO A 422 17.89 29.82 -11.39
N SER A 423 18.80 28.91 -11.73
CA SER A 423 18.60 27.48 -11.48
C SER A 423 19.98 26.83 -11.36
N ALA A 424 20.41 26.57 -10.14
CA ALA A 424 21.66 25.88 -9.88
C ALA A 424 21.40 24.38 -9.78
N ARG A 425 22.32 23.59 -10.32
CA ARG A 425 22.21 22.13 -10.30
C ARG A 425 23.37 21.57 -9.48
N GLY A 426 23.13 21.31 -8.20
CA GLY A 426 24.11 20.65 -7.35
C GLY A 426 25.31 21.44 -6.90
N HIS A 427 26.01 22.07 -7.84
CA HIS A 427 27.25 22.77 -7.50
C HIS A 427 26.93 24.02 -6.67
N GLN A 428 27.34 24.01 -5.41
CA GLN A 428 27.09 25.14 -4.51
C GLN A 428 27.74 26.42 -5.00
N ARG A 429 28.78 26.33 -5.82
CA ARG A 429 29.41 27.53 -6.37
C ARG A 429 28.39 28.43 -7.07
N ASP A 430 27.51 27.83 -7.88
CA ASP A 430 26.44 28.59 -8.50
C ASP A 430 25.49 29.17 -7.47
N ILE A 431 25.30 28.48 -6.35
CA ILE A 431 24.43 28.99 -5.29
C ILE A 431 25.05 30.23 -4.65
N ASP A 432 26.38 30.26 -4.52
CA ASP A 432 27.05 31.47 -4.06
C ASP A 432 26.76 32.64 -4.98
N GLU A 433 26.66 32.38 -6.29
CA GLU A 433 26.22 33.39 -7.24
C GLU A 433 24.73 33.66 -7.14
N ILE A 434 24.00 32.90 -6.33
CA ILE A 434 22.58 33.13 -6.08
C ILE A 434 22.34 33.71 -4.70
N PHE A 435 23.05 33.20 -3.68
CA PHE A 435 22.96 33.80 -2.35
C PHE A 435 23.44 35.24 -2.38
N ALA A 436 24.50 35.51 -3.14
CA ALA A 436 24.96 36.89 -3.31
C ALA A 436 23.89 37.76 -3.94
N MET A 437 23.18 37.23 -4.94
CA MET A 437 22.05 37.96 -5.50
C MET A 437 21.01 38.26 -4.44
N LEU A 438 20.75 37.29 -3.55
CA LEU A 438 19.95 37.58 -2.37
C LEU A 438 20.68 38.55 -1.45
N ARG A 439 21.98 38.35 -1.25
CA ARG A 439 22.79 39.18 -0.36
C ARG A 439 22.94 40.62 -0.84
N ALA A 440 22.37 40.98 -1.99
CA ALA A 440 22.46 42.34 -2.50
C ALA A 440 21.11 42.99 -2.76
N HIS A 441 20.12 42.23 -3.26
CA HIS A 441 18.82 42.82 -3.54
C HIS A 441 18.13 43.28 -2.27
N ILE A 442 18.37 42.60 -1.15
CA ILE A 442 17.77 43.03 0.11
C ILE A 442 18.43 44.32 0.60
N ALA A 443 19.70 44.52 0.26
CA ALA A 443 20.41 45.72 0.70
C ALA A 443 19.74 46.98 0.18
N THR A 444 19.24 46.96 -1.06
CA THR A 444 18.43 48.05 -1.57
C THR A 444 16.98 47.87 -1.14
N GLY A 445 16.77 47.66 0.17
CA GLY A 445 15.44 47.46 0.74
C GLY A 445 14.56 46.49 0.00
N GLY A 446 15.16 45.50 -0.64
CA GLY A 446 14.39 44.60 -1.49
C GLY A 446 13.68 43.52 -0.69
N TYR A 447 12.55 43.06 -1.25
CA TYR A 447 11.75 42.01 -0.65
C TYR A 447 12.12 40.68 -1.30
N ALA A 448 12.39 39.67 -0.47
CA ALA A 448 12.76 38.36 -0.98
C ALA A 448 12.50 37.33 0.11
N ALA A 449 12.14 36.12 -0.32
CA ALA A 449 11.90 35.02 0.59
C ALA A 449 12.06 33.71 -0.16
N LEU A 450 12.83 32.79 0.41
CA LEU A 450 13.04 31.49 -0.21
C LEU A 450 11.88 30.56 0.15
N VAL A 451 11.30 29.91 -0.85
CA VAL A 451 10.20 28.98 -0.67
C VAL A 451 10.75 27.56 -0.72
N ALA A 452 10.22 26.67 0.13
CA ALA A 452 10.65 25.29 0.20
C ALA A 452 9.43 24.44 0.54
N PRO A 453 9.43 23.15 0.20
CA PRO A 453 8.27 22.30 0.51
C PRO A 453 8.22 21.84 1.94
N GLY A 454 9.38 21.67 2.58
CA GLY A 454 9.48 21.10 3.90
C GLY A 454 9.91 22.12 4.93
N THR A 455 9.19 22.13 6.06
CA THR A 455 9.51 23.05 7.15
C THR A 455 10.91 22.77 7.70
N GLY A 456 11.26 21.50 7.87
CA GLY A 456 12.60 21.17 8.31
C GLY A 456 13.68 21.72 7.40
N THR A 457 13.45 21.65 6.08
CA THR A 457 14.39 22.24 5.14
C THR A 457 14.34 23.77 5.20
N ALA A 458 13.15 24.33 5.36
CA ALA A 458 13.01 25.79 5.44
C ALA A 458 13.83 26.36 6.59
N HIS A 459 13.84 25.66 7.73
CA HIS A 459 14.67 26.10 8.85
C HIS A 459 16.16 25.94 8.54
N ARG A 460 16.51 24.92 7.74
CA ARG A 460 17.91 24.78 7.31
C ARG A 460 18.34 25.96 6.45
N VAL A 461 17.45 26.45 5.59
CA VAL A 461 17.76 27.63 4.77
C VAL A 461 18.15 28.80 5.67
N VAL A 462 17.40 29.02 6.75
CA VAL A 462 17.77 30.04 7.73
C VAL A 462 19.18 29.78 8.24
N GLU A 463 19.49 28.52 8.57
CA GLU A 463 20.84 28.16 8.97
C GLU A 463 21.83 28.30 7.82
N ARG A 464 21.39 28.06 6.59
CA ARG A 464 22.30 28.09 5.44
C ARG A 464 22.53 29.51 4.94
N LEU A 465 21.50 30.35 4.96
CA LEU A 465 21.66 31.75 4.55
C LEU A 465 22.56 32.49 5.53
N SER A 466 22.26 32.40 6.82
CA SER A 466 23.11 33.05 7.83
C SER A 466 24.52 32.48 7.81
N GLU A 467 24.69 31.22 7.42
CA GLU A 467 26.02 30.65 7.27
C GLU A 467 26.77 31.31 6.12
N SER A 468 26.05 31.65 5.05
CA SER A 468 26.62 32.36 3.91
C SER A 468 26.64 33.87 4.11
N ASP A 469 26.59 34.33 5.35
CA ASP A 469 26.55 35.76 5.69
C ASP A 469 25.37 36.45 4.99
N THR A 470 24.17 36.00 5.33
CA THR A 470 22.95 36.55 4.76
C THR A 470 21.82 36.45 5.77
N PRO A 471 21.17 37.57 6.10
CA PRO A 471 20.05 37.52 7.04
C PRO A 471 18.89 36.70 6.49
N ALA A 472 18.20 36.01 7.39
CA ALA A 472 17.14 35.08 7.01
C ALA A 472 16.09 35.06 8.11
N GLY A 473 15.25 34.03 8.11
CA GLY A 473 14.23 33.88 9.12
C GLY A 473 12.97 33.23 8.58
N MET A 474 12.47 32.22 9.29
CA MET A 474 11.24 31.56 8.88
C MET A 474 10.06 32.50 9.02
N LEU A 475 9.11 32.43 8.08
CA LEU A 475 7.97 33.32 8.05
C LEU A 475 6.71 32.61 8.55
N ASP A 476 5.79 33.41 9.06
CA ASP A 476 4.48 32.89 9.44
C ASP A 476 3.72 32.52 8.17
N PRO A 477 3.10 31.33 8.12
CA PRO A 477 2.40 30.92 6.89
C PRO A 477 1.25 31.86 6.53
N GLY A 478 1.38 32.54 5.40
CA GLY A 478 0.39 33.49 4.95
C GLY A 478 0.79 34.95 5.02
N GLN A 479 2.07 35.26 5.22
CA GLN A 479 2.55 36.63 5.28
C GLN A 479 3.62 36.87 4.23
N ALA A 480 3.67 38.09 3.72
CA ALA A 480 4.64 38.47 2.71
C ALA A 480 6.04 38.54 3.32
N PRO A 481 7.09 38.46 2.50
CA PRO A 481 8.45 38.61 3.03
C PRO A 481 8.65 39.98 3.67
N LYS A 482 9.47 39.99 4.72
CA LYS A 482 9.72 41.22 5.46
C LYS A 482 10.61 42.16 4.64
N PRO A 483 10.46 43.48 4.85
CA PRO A 483 11.30 44.43 4.09
C PRO A 483 12.75 44.44 4.52
N GLY A 484 13.54 43.49 4.01
CA GLY A 484 14.95 43.46 4.29
C GLY A 484 15.54 42.10 4.58
N VAL A 485 14.75 41.22 5.20
CA VAL A 485 15.21 39.89 5.55
C VAL A 485 14.66 38.89 4.54
N VAL A 486 15.22 37.69 4.55
CA VAL A 486 14.72 36.59 3.72
C VAL A 486 13.73 35.82 4.59
N GLY A 487 12.46 36.20 4.50
CA GLY A 487 11.42 35.54 5.29
C GLY A 487 11.05 34.18 4.73
N VAL A 488 11.95 33.21 4.89
CA VAL A 488 11.76 31.88 4.32
C VAL A 488 10.41 31.32 4.74
N LEU A 489 9.68 30.75 3.79
CA LEU A 489 8.35 30.23 4.06
C LEU A 489 8.20 28.88 3.36
N GLN A 490 7.63 27.91 4.07
CA GLN A 490 7.31 26.63 3.46
C GLN A 490 6.22 26.82 2.41
N GLY A 491 6.44 26.26 1.22
CA GLY A 491 5.49 26.37 0.15
C GLY A 491 5.72 25.36 -0.97
N PRO A 492 4.66 24.99 -1.68
CA PRO A 492 4.76 23.98 -2.74
C PRO A 492 5.20 24.51 -4.10
N LEU A 493 5.73 25.72 -4.20
CA LEU A 493 6.14 26.25 -5.49
C LEU A 493 7.27 25.43 -6.08
N ARG A 494 7.27 25.30 -7.40
CA ARG A 494 8.21 24.43 -8.11
C ARG A 494 9.52 25.15 -8.41
N ASP A 495 9.47 26.22 -9.20
CA ASP A 495 10.66 26.94 -9.61
C ASP A 495 10.51 28.42 -9.30
N GLY A 496 11.60 29.05 -8.92
CA GLY A 496 11.54 30.45 -8.49
C GLY A 496 11.15 31.38 -9.62
N VAL A 497 10.71 32.57 -9.23
CA VAL A 497 10.33 33.63 -10.16
C VAL A 497 10.70 34.96 -9.53
N ILE A 498 11.02 35.94 -10.38
CA ILE A 498 11.41 37.27 -9.93
C ILE A 498 10.50 38.29 -10.62
N ILE A 499 9.92 39.18 -9.82
CA ILE A 499 9.06 40.24 -10.32
C ILE A 499 9.68 41.58 -9.91
N PRO A 500 10.29 42.30 -10.85
CA PRO A 500 10.78 43.66 -10.53
C PRO A 500 9.68 44.64 -10.24
N GLY A 501 8.43 44.34 -10.61
CA GLY A 501 7.29 45.19 -10.31
C GLY A 501 7.06 45.42 -8.83
N ALA A 502 7.75 44.66 -7.96
CA ALA A 502 7.71 44.91 -6.52
C ALA A 502 9.09 44.75 -5.89
N ASN A 503 10.15 44.75 -6.68
CA ASN A 503 11.50 44.43 -6.21
C ASN A 503 11.49 43.11 -5.45
N LEU A 504 10.79 42.12 -6.00
CA LEU A 504 10.51 40.86 -5.33
C LEU A 504 11.24 39.73 -6.04
N VAL A 505 11.92 38.88 -5.26
CA VAL A 505 12.65 37.73 -5.78
C VAL A 505 12.32 36.54 -4.88
N VAL A 506 11.92 35.43 -5.50
CA VAL A 506 11.61 34.18 -4.79
C VAL A 506 12.39 33.06 -5.45
N ILE A 507 13.07 32.25 -4.64
CA ILE A 507 13.89 31.15 -5.12
C ILE A 507 13.44 29.88 -4.38
N THR A 508 12.86 28.94 -5.12
CA THR A 508 12.46 27.67 -4.55
C THR A 508 13.71 26.80 -4.30
N GLU A 509 13.55 25.81 -3.42
CA GLU A 509 14.66 24.92 -3.13
C GLU A 509 15.00 24.03 -4.32
N THR A 510 14.04 23.81 -5.24
CA THR A 510 14.33 23.03 -6.43
C THR A 510 15.38 23.73 -7.31
N ASP A 511 15.40 25.05 -7.30
CA ASP A 511 16.37 25.82 -8.08
C ASP A 511 17.80 25.55 -7.67
N LEU A 512 18.02 24.79 -6.59
CA LEU A 512 19.32 24.31 -6.17
C LEU A 512 19.48 22.82 -6.37
N THR A 513 18.46 22.04 -6.00
CA THR A 513 18.49 20.60 -6.27
C THR A 513 18.43 20.33 -7.76
N GLY A 514 17.57 21.05 -8.49
CA GLY A 514 17.42 20.84 -9.91
C GLY A 514 16.53 19.65 -10.25
N SER A 515 16.48 18.67 -9.35
CA SER A 515 15.70 17.46 -9.52
C SER A 515 14.91 17.18 -8.25
N ARG A 516 13.70 16.66 -8.43
CA ARG A 516 12.83 16.33 -7.31
C ARG A 516 12.38 14.87 -7.37
N LEU A 525 4.16 9.09 1.35
CA LEU A 525 5.46 8.55 0.96
C LEU A 525 6.24 8.08 2.18
N ALA A 526 5.53 7.52 3.15
CA ALA A 526 6.12 6.98 4.37
C ALA A 526 5.72 5.52 4.53
N ALA A 527 6.35 4.86 5.51
CA ALA A 527 6.11 3.45 5.75
C ALA A 527 4.88 3.28 6.64
N LYS A 528 4.68 2.05 7.16
CA LYS A 528 3.60 1.76 8.09
C LYS A 528 3.94 0.46 8.81
N ARG A 529 3.48 0.35 10.05
CA ARG A 529 3.70 -0.85 10.86
C ARG A 529 2.68 -1.91 10.46
N ARG A 530 2.59 -3.00 11.22
CA ARG A 530 1.78 -4.15 10.84
C ARG A 530 0.91 -4.64 11.98
N ASN A 531 -0.37 -4.80 11.70
CA ASN A 531 -1.28 -5.62 12.50
C ASN A 531 -2.43 -5.99 11.56
N ILE A 532 -2.47 -7.25 11.12
CA ILE A 532 -3.27 -7.64 9.97
C ILE A 532 -4.17 -8.82 10.36
N VAL A 533 -4.92 -9.30 9.37
CA VAL A 533 -5.87 -10.41 9.52
C VAL A 533 -5.38 -11.59 8.69
N ASP A 534 -6.11 -12.71 8.76
CA ASP A 534 -5.74 -13.90 8.01
C ASP A 534 -6.96 -14.79 7.78
N PRO A 535 -7.77 -14.52 6.75
CA PRO A 535 -8.92 -15.39 6.48
C PRO A 535 -8.46 -16.73 5.93
N LEU A 536 -8.93 -17.82 6.56
CA LEU A 536 -8.53 -19.17 6.18
C LEU A 536 -9.22 -19.56 4.88
N ALA A 537 -8.63 -19.09 3.77
CA ALA A 537 -9.06 -19.50 2.44
C ALA A 537 -8.53 -20.90 2.18
N LEU A 538 -9.43 -21.87 2.10
CA LEU A 538 -9.07 -23.27 1.87
C LEU A 538 -9.80 -23.77 0.63
N THR A 539 -9.07 -23.98 -0.45
CA THR A 539 -9.63 -24.50 -1.69
C THR A 539 -9.57 -26.02 -1.67
N ALA A 540 -10.64 -26.65 -2.18
CA ALA A 540 -10.71 -28.10 -2.22
C ALA A 540 -9.48 -28.69 -2.88
N GLY A 541 -9.10 -29.90 -2.46
CA GLY A 541 -7.91 -30.55 -2.95
C GLY A 541 -6.61 -30.02 -2.40
N ASP A 542 -6.64 -28.94 -1.60
CA ASP A 542 -5.42 -28.41 -1.02
C ASP A 542 -4.84 -29.39 0.01
N LEU A 543 -3.70 -29.00 0.57
CA LEU A 543 -2.90 -29.85 1.43
C LEU A 543 -2.48 -29.09 2.67
N VAL A 544 -2.62 -29.71 3.84
CA VAL A 544 -2.43 -29.05 5.12
C VAL A 544 -1.72 -30.00 6.09
N VAL A 545 -1.11 -29.39 7.11
CA VAL A 545 -0.40 -30.12 8.16
C VAL A 545 -1.23 -30.03 9.44
N HIS A 546 -1.63 -31.20 9.96
CA HIS A 546 -2.25 -31.30 11.28
C HIS A 546 -1.21 -31.81 12.26
N ASP A 547 -1.03 -31.08 13.37
CA ASP A 547 0.08 -31.37 14.29
C ASP A 547 0.03 -32.81 14.78
N GLN A 548 -1.01 -33.16 15.53
CA GLN A 548 -1.09 -34.48 16.15
C GLN A 548 -1.27 -35.61 15.15
N HIS A 549 -1.56 -35.31 13.90
CA HIS A 549 -1.79 -36.34 12.90
C HIS A 549 -0.80 -36.31 11.75
N GLY A 550 -0.64 -35.16 11.07
CA GLY A 550 0.30 -35.04 9.98
C GLY A 550 -0.34 -34.45 8.75
N ILE A 551 0.33 -34.66 7.62
CA ILE A 551 -0.10 -34.05 6.35
C ILE A 551 -1.52 -34.51 6.02
N GLY A 552 -2.22 -33.68 5.24
CA GLY A 552 -3.60 -33.98 4.88
C GLY A 552 -3.94 -33.44 3.51
N ARG A 553 -5.11 -33.87 3.03
CA ARG A 553 -5.68 -33.39 1.78
C ARG A 553 -7.08 -32.89 2.07
N PHE A 554 -7.35 -31.63 1.73
CA PHE A 554 -8.61 -30.98 2.08
C PHE A 554 -9.65 -31.22 0.99
N VAL A 555 -10.89 -31.46 1.42
CA VAL A 555 -11.97 -31.79 0.49
C VAL A 555 -13.08 -30.74 0.52
N GLU A 556 -13.70 -30.54 1.67
CA GLU A 556 -14.84 -29.62 1.77
C GLU A 556 -15.06 -29.24 3.22
N MET A 557 -15.94 -28.25 3.42
CA MET A 557 -16.31 -27.74 4.74
C MET A 557 -17.73 -28.20 5.03
N VAL A 558 -17.87 -29.15 5.95
CA VAL A 558 -19.14 -29.80 6.22
C VAL A 558 -19.82 -29.10 7.40
N GLU A 559 -21.15 -29.01 7.34
CA GLU A 559 -21.99 -28.65 8.47
C GLU A 559 -22.66 -29.90 9.01
N ARG A 560 -23.12 -29.81 10.27
CA ARG A 560 -23.86 -30.93 10.86
C ARG A 560 -24.71 -30.39 12.00
N THR A 561 -26.03 -30.37 11.79
CA THR A 561 -26.98 -29.94 12.82
C THR A 561 -27.43 -31.20 13.57
N VAL A 562 -26.65 -31.58 14.57
CA VAL A 562 -26.89 -32.79 15.35
C VAL A 562 -27.45 -32.35 16.69
N GLY A 563 -28.77 -32.41 16.85
CA GLY A 563 -29.41 -32.07 18.09
C GLY A 563 -29.82 -30.61 18.22
N GLY A 564 -30.21 -29.96 17.13
CA GLY A 564 -30.62 -28.58 17.14
C GLY A 564 -29.49 -27.57 17.18
N ALA A 565 -28.27 -27.99 17.48
CA ALA A 565 -27.12 -27.09 17.57
C ALA A 565 -26.18 -27.36 16.41
N ARG A 566 -25.80 -26.29 15.71
CA ARG A 566 -24.86 -26.42 14.61
C ARG A 566 -23.45 -26.70 15.13
N ARG A 567 -22.65 -27.33 14.28
CA ARG A 567 -21.22 -27.49 14.54
C ARG A 567 -20.55 -27.67 13.18
N GLU A 568 -19.96 -26.60 12.66
CA GLU A 568 -19.23 -26.71 11.40
C GLU A 568 -17.95 -27.51 11.60
N TYR A 569 -17.51 -28.16 10.53
CA TYR A 569 -16.30 -28.96 10.58
C TYR A 569 -15.54 -28.83 9.26
N LEU A 570 -14.30 -29.30 9.28
CA LEU A 570 -13.46 -29.41 8.09
C LEU A 570 -13.07 -30.87 7.92
N VAL A 571 -13.17 -31.38 6.69
CA VAL A 571 -12.85 -32.77 6.39
C VAL A 571 -11.51 -32.80 5.68
N LEU A 572 -10.69 -33.79 6.02
CA LEU A 572 -9.39 -33.99 5.39
C LEU A 572 -9.29 -35.42 4.90
N GLU A 573 -8.56 -35.59 3.79
CA GLU A 573 -8.38 -36.89 3.15
C GLU A 573 -6.96 -37.39 3.45
N TYR A 574 -6.87 -38.64 3.88
CA TYR A 574 -5.59 -39.29 4.17
C TYR A 574 -5.39 -40.47 3.23
N ALA A 575 -4.34 -41.25 3.47
CA ALA A 575 -3.94 -42.34 2.60
C ALA A 575 -4.14 -43.67 3.32
N SER A 576 -5.01 -44.52 2.76
CA SER A 576 -5.21 -45.90 3.21
C SER A 576 -6.14 -46.63 2.26
N THR A 586 -11.07 -45.13 8.72
CA THR A 586 -9.77 -44.60 9.14
C THR A 586 -9.14 -43.76 8.04
N ASP A 587 -9.98 -43.27 7.12
CA ASP A 587 -9.52 -42.42 6.04
C ASP A 587 -9.99 -40.97 6.17
N LYS A 588 -11.05 -40.71 6.92
CA LYS A 588 -11.60 -39.39 7.10
C LYS A 588 -11.21 -38.79 8.44
N LEU A 589 -11.33 -37.47 8.55
CA LEU A 589 -10.98 -36.78 9.78
C LEU A 589 -11.71 -35.44 9.80
N TYR A 590 -12.67 -35.30 10.71
CA TYR A 590 -13.39 -34.03 10.91
C TYR A 590 -12.64 -33.27 12.00
N VAL A 591 -11.87 -32.26 11.59
CA VAL A 591 -11.24 -31.38 12.58
C VAL A 591 -12.29 -30.40 13.09
N PRO A 592 -12.56 -30.36 14.40
CA PRO A 592 -13.56 -29.42 14.93
C PRO A 592 -13.09 -27.97 14.84
N MET A 593 -13.89 -27.05 15.35
CA MET A 593 -13.57 -25.63 15.28
C MET A 593 -12.78 -25.13 16.49
N ASP A 594 -12.56 -25.98 17.49
CA ASP A 594 -11.71 -25.66 18.62
C ASP A 594 -10.27 -26.13 18.41
N SER A 595 -9.88 -26.43 17.17
CA SER A 595 -8.53 -26.90 16.88
C SER A 595 -7.98 -26.29 15.59
N LEU A 596 -8.50 -25.14 15.14
CA LEU A 596 -7.99 -24.52 13.93
C LEU A 596 -6.57 -23.98 14.09
N ASP A 597 -6.14 -23.70 15.31
CA ASP A 597 -4.76 -23.31 15.55
C ASP A 597 -3.77 -24.41 15.19
N GLN A 598 -4.23 -25.65 15.08
CA GLN A 598 -3.37 -26.79 14.78
C GLN A 598 -3.38 -27.15 13.29
N LEU A 599 -3.81 -26.23 12.43
CA LEU A 599 -3.77 -26.42 10.99
C LEU A 599 -3.02 -25.28 10.33
N SER A 600 -2.45 -25.57 9.17
CA SER A 600 -1.82 -24.59 8.31
C SER A 600 -1.50 -25.27 6.99
N ARG A 601 -1.21 -24.45 5.98
CA ARG A 601 -0.91 -24.97 4.66
C ARG A 601 0.45 -25.68 4.66
N TYR A 602 0.75 -26.30 3.53
CA TYR A 602 2.04 -26.95 3.30
C TYR A 602 2.75 -26.24 2.16
N VAL A 603 4.02 -25.88 2.39
CA VAL A 603 4.80 -25.18 1.38
C VAL A 603 6.11 -25.89 1.03
N GLY A 604 6.68 -26.71 1.92
CA GLY A 604 8.02 -27.24 1.76
C GLY A 604 8.36 -27.92 0.45
N GLY A 605 7.76 -29.09 0.20
CA GLY A 605 8.13 -29.87 -0.95
C GLY A 605 7.82 -29.22 -2.29
N GLN A 606 6.99 -28.17 -2.31
CA GLN A 606 6.46 -27.59 -3.54
C GLN A 606 5.85 -28.64 -4.44
N ALA A 607 5.44 -29.75 -3.83
CA ALA A 607 5.05 -30.98 -4.50
C ALA A 607 4.56 -31.95 -3.43
N PRO A 608 3.69 -32.89 -3.79
CA PRO A 608 3.12 -33.79 -2.78
C PRO A 608 4.17 -34.69 -2.16
N ALA A 609 3.89 -35.12 -0.94
CA ALA A 609 4.67 -36.13 -0.26
C ALA A 609 3.74 -37.22 0.25
N LEU A 610 4.24 -38.13 1.07
CA LEU A 610 3.38 -39.16 1.64
C LEU A 610 2.30 -38.53 2.51
N SER A 611 1.05 -38.60 2.05
CA SER A 611 -0.06 -38.12 2.86
C SER A 611 -0.16 -38.98 4.11
N ARG A 612 0.24 -38.42 5.25
CA ARG A 612 0.40 -39.19 6.47
C ARG A 612 -0.92 -39.85 6.87
N LEU A 613 -0.85 -41.15 7.14
CA LEU A 613 -2.00 -41.89 7.65
C LEU A 613 -2.07 -41.77 9.17
N GLY A 614 -3.28 -41.85 9.71
CA GLY A 614 -3.44 -41.84 11.14
C GLY A 614 -2.79 -43.05 11.76
N GLY A 615 -1.64 -42.84 12.41
CA GLY A 615 -0.84 -43.95 12.92
C GLY A 615 0.28 -43.52 13.83
N SER A 616 1.46 -44.16 13.68
CA SER A 616 2.56 -43.92 14.61
C SER A 616 3.91 -43.82 13.89
N ASP A 617 3.92 -43.29 12.67
CA ASP A 617 5.16 -42.98 11.97
C ASP A 617 5.37 -41.49 11.77
N TRP A 618 4.29 -40.71 11.71
CA TRP A 618 4.41 -39.26 11.58
C TRP A 618 5.08 -38.64 12.81
N ALA A 619 4.73 -39.12 14.00
CA ALA A 619 5.33 -38.58 15.22
C ALA A 619 6.85 -38.74 15.21
N ASN A 620 7.34 -39.86 14.66
CA ASN A 620 8.78 -40.02 14.49
C ASN A 620 9.35 -38.91 13.61
N THR A 621 8.68 -38.58 12.51
CA THR A 621 9.12 -37.48 11.66
C THR A 621 9.17 -36.17 12.44
N LYS A 622 8.25 -35.99 13.40
CA LYS A 622 8.30 -34.82 14.26
C LYS A 622 9.52 -34.86 15.19
N THR A 623 9.63 -35.94 15.97
CA THR A 623 10.70 -36.03 16.97
C THR A 623 12.08 -35.97 16.32
N LYS A 624 12.23 -36.45 15.10
CA LYS A 624 13.49 -36.33 14.39
C LYS A 624 13.70 -34.94 13.78
N ALA A 625 12.72 -34.05 13.89
CA ALA A 625 12.84 -32.68 13.43
C ALA A 625 13.16 -31.70 14.55
N ARG A 626 12.59 -31.90 15.75
CA ARG A 626 12.90 -31.02 16.88
C ARG A 626 14.39 -31.03 17.20
N ARG A 627 15.03 -32.19 17.07
CA ARG A 627 16.48 -32.27 17.26
C ARG A 627 17.23 -31.53 16.15
N ALA A 628 16.66 -31.51 14.94
CA ALA A 628 17.34 -30.88 13.80
C ALA A 628 17.47 -29.36 13.95
N VAL A 629 16.61 -28.73 14.76
CA VAL A 629 16.63 -27.28 14.90
C VAL A 629 17.73 -26.77 15.82
N ARG A 630 18.45 -27.66 16.50
CA ARG A 630 19.43 -27.24 17.50
C ARG A 630 20.51 -26.34 16.88
N GLU A 631 20.95 -26.66 15.67
CA GLU A 631 21.96 -25.85 15.00
C GLU A 631 21.46 -24.42 14.80
N ILE A 632 20.23 -24.26 14.30
CA ILE A 632 19.63 -22.93 14.19
C ILE A 632 19.24 -22.40 15.56
N ALA A 633 18.97 -23.27 16.53
CA ALA A 633 18.68 -22.82 17.89
C ALA A 633 19.91 -22.20 18.54
N GLY A 634 21.03 -22.94 18.55
CA GLY A 634 22.22 -22.44 19.21
C GLY A 634 22.82 -21.22 18.54
N GLU A 635 22.84 -21.21 17.20
CA GLU A 635 23.46 -20.11 16.47
C GLU A 635 22.68 -18.81 16.64
N LEU A 636 21.38 -18.84 16.35
CA LEU A 636 20.56 -17.63 16.45
C LEU A 636 20.55 -17.07 17.86
N VAL A 637 20.62 -17.94 18.87
CA VAL A 637 20.68 -17.48 20.25
C VAL A 637 22.10 -17.09 20.66
N SER A 638 23.12 -17.51 19.90
CA SER A 638 24.49 -17.13 20.20
C SER A 638 24.75 -15.67 19.89
N LEU A 639 24.31 -15.21 18.71
CA LEU A 639 24.49 -13.82 18.33
C LEU A 639 23.88 -12.89 19.38
N TYR A 640 22.76 -13.29 19.98
CA TYR A 640 22.20 -12.50 21.07
C TYR A 640 23.13 -12.48 22.27
N ALA A 641 23.85 -13.58 22.54
CA ALA A 641 24.80 -13.59 23.64
C ALA A 641 26.01 -12.70 23.32
N LYS A 642 26.57 -12.83 22.12
CA LYS A 642 27.72 -12.02 21.74
C LYS A 642 27.39 -10.53 21.75
N ARG A 643 26.27 -10.17 21.12
CA ARG A 643 25.88 -8.76 21.07
C ARG A 643 25.67 -8.19 22.47
N GLN A 644 24.99 -8.93 23.34
CA GLN A 644 24.80 -8.48 24.71
C GLN A 644 26.12 -8.40 25.47
N ALA A 645 27.10 -9.23 25.09
CA ALA A 645 28.41 -9.19 25.73
C ALA A 645 29.21 -7.97 25.28
N SER A 646 29.34 -7.77 23.97
CA SER A 646 30.15 -6.69 23.42
C SER A 646 29.39 -5.36 23.48
N PRO A 647 29.86 -4.40 24.28
CA PRO A 647 29.24 -3.07 24.28
C PRO A 647 29.69 -2.25 23.08
N GLY A 648 29.01 -1.14 22.85
CA GLY A 648 29.35 -0.31 21.72
C GLY A 648 28.88 1.12 21.93
N HIS A 649 29.10 1.93 20.88
CA HIS A 649 28.77 3.34 20.94
C HIS A 649 27.26 3.53 21.00
N ALA A 650 26.77 4.08 22.10
CA ALA A 650 25.38 4.53 22.20
C ALA A 650 25.28 5.88 21.53
N PHE A 651 24.59 5.92 20.38
CA PHE A 651 24.46 7.18 19.65
C PHE A 651 23.73 8.22 20.52
N SER A 652 24.17 9.46 20.41
CA SER A 652 23.49 10.55 21.08
C SER A 652 22.06 10.64 20.57
N PRO A 653 21.18 11.33 21.30
CA PRO A 653 19.80 11.48 20.85
C PRO A 653 19.71 12.29 19.55
N ASP A 654 18.50 12.49 19.04
CA ASP A 654 18.32 13.12 17.75
C ASP A 654 19.02 14.48 17.67
N THR A 655 20.03 14.57 16.81
CA THR A 655 20.69 15.84 16.55
C THR A 655 19.66 16.88 16.15
N PRO A 656 19.79 18.14 16.60
CA PRO A 656 18.85 19.19 16.16
C PRO A 656 18.74 19.29 14.65
N TRP A 657 19.78 18.84 13.94
CA TRP A 657 19.74 18.80 12.49
C TRP A 657 18.90 17.65 11.97
N GLN A 658 18.60 16.65 12.81
CA GLN A 658 17.79 15.52 12.37
C GLN A 658 16.41 15.97 11.91
N ALA A 659 15.71 16.71 12.77
CA ALA A 659 14.38 17.19 12.38
C ALA A 659 14.51 18.45 11.53
N GLU A 660 15.40 18.37 10.55
CA GLU A 660 15.46 19.29 9.42
C GLU A 660 15.66 18.58 8.09
N LEU A 661 16.19 17.35 8.10
CA LEU A 661 16.14 16.45 6.94
C LEU A 661 14.83 15.68 6.90
N GLU A 662 14.35 15.22 8.05
CA GLU A 662 13.14 14.41 8.13
C GLU A 662 11.88 15.18 7.75
N ASP A 663 11.96 16.50 7.60
CA ASP A 663 10.80 17.31 7.24
C ASP A 663 11.12 18.13 5.98
N ALA A 664 11.65 17.46 4.96
CA ALA A 664 11.74 18.05 3.63
C ALA A 664 10.43 17.99 2.87
N PHE A 665 9.46 17.21 3.36
CA PHE A 665 8.16 17.07 2.73
C PHE A 665 7.10 17.68 3.63
N GLY A 666 6.25 18.54 3.06
CA GLY A 666 5.18 19.16 3.81
C GLY A 666 4.12 18.20 4.29
N PHE A 667 4.22 16.94 3.88
CA PHE A 667 3.25 15.92 4.26
C PHE A 667 3.23 15.74 5.77
N THR A 668 2.10 15.23 6.27
CA THR A 668 1.92 14.97 7.69
C THR A 668 2.41 13.56 8.01
N GLU A 669 3.32 13.46 8.97
CA GLU A 669 3.86 12.15 9.34
C GLU A 669 2.77 11.26 9.92
N THR A 670 2.97 9.96 9.81
CA THR A 670 2.03 8.97 10.32
C THR A 670 2.64 8.34 11.57
N VAL A 671 1.92 8.39 12.68
CA VAL A 671 2.43 7.91 13.97
C VAL A 671 2.61 6.40 13.93
N ASP A 672 2.27 5.79 12.80
CA ASP A 672 2.59 4.38 12.53
C ASP A 672 3.82 4.22 11.63
N GLN A 673 4.29 5.28 11.00
CA GLN A 673 5.60 5.26 10.33
C GLN A 673 6.72 5.70 11.25
N LEU A 674 6.42 6.59 12.21
CA LEU A 674 7.42 6.96 13.22
C LEU A 674 7.94 5.74 13.97
N THR A 675 7.02 4.87 14.42
CA THR A 675 7.39 3.72 15.24
C THR A 675 8.38 2.79 14.55
N ALA A 676 8.56 2.89 13.24
CA ALA A 676 9.62 2.15 12.58
C ALA A 676 10.99 2.77 12.82
N ILE A 677 11.06 4.09 12.94
CA ILE A 677 12.33 4.77 13.18
C ILE A 677 12.67 4.73 14.67
N GLU A 678 11.75 5.19 15.52
CA GLU A 678 11.97 5.13 16.96
C GLU A 678 12.34 3.73 17.42
N GLU A 679 11.81 2.71 16.75
CA GLU A 679 12.29 1.35 16.96
C GLU A 679 13.75 1.21 16.57
N VAL A 680 14.08 1.61 15.33
CA VAL A 680 15.46 1.49 14.85
C VAL A 680 16.36 2.53 15.49
N LYS A 681 15.81 3.65 15.98
CA LYS A 681 16.62 4.66 16.65
C LYS A 681 17.03 4.21 18.05
N ALA A 682 16.04 3.93 18.90
CA ALA A 682 16.33 3.51 20.27
C ALA A 682 17.27 2.31 20.32
N ASP A 683 17.16 1.41 19.35
CA ASP A 683 18.12 0.31 19.26
C ASP A 683 19.53 0.82 19.04
N MET A 684 19.68 1.89 18.25
CA MET A 684 20.99 2.53 18.12
C MET A 684 21.37 3.28 19.39
N GLU A 685 20.40 3.94 20.02
CA GLU A 685 20.68 4.77 21.19
C GLU A 685 21.15 3.96 22.39
N LYS A 686 20.95 2.65 22.40
CA LYS A 686 21.50 1.81 23.45
C LYS A 686 23.00 1.68 23.30
N PRO A 687 23.74 1.46 24.39
CA PRO A 687 25.13 1.03 24.27
C PRO A 687 25.28 -0.28 23.54
N ILE A 688 24.22 -1.09 23.50
CA ILE A 688 24.22 -2.38 22.81
C ILE A 688 24.11 -2.12 21.31
N PRO A 689 24.83 -2.87 20.47
CA PRO A 689 24.65 -2.75 19.03
C PRO A 689 23.22 -3.06 18.62
N MET A 690 22.92 -2.84 17.35
CA MET A 690 21.58 -3.00 16.81
C MET A 690 21.52 -4.20 15.88
N ASP A 691 20.59 -5.11 16.15
CA ASP A 691 20.28 -6.22 15.25
C ASP A 691 18.78 -6.12 14.95
N ARG A 692 18.44 -5.30 13.96
CA ARG A 692 17.06 -5.11 13.55
C ARG A 692 16.94 -5.36 12.06
N VAL A 693 15.78 -5.89 11.65
CA VAL A 693 15.53 -6.30 10.28
C VAL A 693 14.24 -5.66 9.80
N ILE A 694 14.22 -5.20 8.55
CA ILE A 694 13.04 -4.61 7.93
C ILE A 694 12.70 -5.45 6.70
N CYS A 695 11.52 -6.06 6.72
CA CYS A 695 11.04 -6.90 5.63
C CYS A 695 9.80 -6.24 5.03
N GLY A 696 9.98 -5.55 3.92
CA GLY A 696 8.88 -4.83 3.30
C GLY A 696 8.94 -4.92 1.79
N ASP A 697 7.80 -4.62 1.16
CA ASP A 697 7.68 -4.64 -0.29
C ASP A 697 7.85 -3.25 -0.91
N VAL A 698 7.62 -2.19 -0.13
CA VAL A 698 7.56 -0.83 -0.66
C VAL A 698 8.81 -0.49 -1.47
N GLY A 699 9.97 -0.90 -0.99
CA GLY A 699 11.24 -0.66 -1.66
C GLY A 699 11.87 0.69 -1.37
N TYR A 700 11.06 1.75 -1.33
CA TYR A 700 11.55 3.10 -1.03
C TYR A 700 11.34 3.46 0.44
N GLY A 701 10.12 3.31 0.95
CA GLY A 701 9.85 3.72 2.33
C GLY A 701 10.79 3.11 3.35
N LYS A 702 11.30 1.91 3.08
CA LYS A 702 12.32 1.34 3.95
C LYS A 702 13.71 1.84 3.57
N THR A 703 13.97 2.03 2.27
CA THR A 703 15.22 2.68 1.85
C THR A 703 15.36 4.06 2.49
N GLU A 704 14.28 4.83 2.52
CA GLU A 704 14.34 6.15 3.14
C GLU A 704 14.64 6.05 4.63
N ILE A 705 14.18 4.98 5.30
CA ILE A 705 14.49 4.79 6.71
C ILE A 705 16.00 4.71 6.90
N ALA A 706 16.73 4.15 5.93
CA ALA A 706 18.18 4.07 6.03
C ALA A 706 18.81 5.45 6.15
N VAL A 707 18.40 6.39 5.27
CA VAL A 707 19.03 7.70 5.26
C VAL A 707 18.77 8.43 6.57
N ARG A 708 17.64 8.18 7.22
CA ARG A 708 17.36 8.79 8.52
C ARG A 708 18.29 8.24 9.58
N ALA A 709 18.47 6.92 9.61
CA ALA A 709 19.40 6.30 10.55
C ALA A 709 20.84 6.70 10.23
N ALA A 710 21.25 6.52 8.97
CA ALA A 710 22.61 6.86 8.56
C ALA A 710 22.94 8.33 8.76
N PHE A 711 21.92 9.19 8.90
CA PHE A 711 22.17 10.59 9.19
C PHE A 711 22.52 10.81 10.66
N LYS A 712 21.76 10.17 11.56
CA LYS A 712 22.06 10.28 12.99
C LYS A 712 23.45 9.76 13.31
N ALA A 713 23.83 8.63 12.71
CA ALA A 713 25.10 7.99 13.03
C ALA A 713 26.28 8.92 12.77
N VAL A 714 26.41 9.40 11.54
CA VAL A 714 27.53 10.27 11.20
C VAL A 714 27.47 11.61 11.94
N GLN A 715 26.28 12.01 12.41
CA GLN A 715 26.20 13.22 13.22
C GLN A 715 26.99 13.08 14.52
N ASP A 716 26.97 11.89 15.11
CA ASP A 716 27.84 11.57 16.23
C ASP A 716 29.27 11.30 15.80
N GLY A 717 29.61 11.59 14.55
CA GLY A 717 30.97 11.39 14.06
C GLY A 717 31.35 9.94 13.97
N LYS A 718 30.69 9.20 13.09
CA LYS A 718 30.97 7.77 12.89
C LYS A 718 30.51 7.42 11.48
N GLN A 719 31.47 7.29 10.56
CA GLN A 719 31.14 7.03 9.17
C GLN A 719 30.40 5.71 9.04
N VAL A 720 29.55 5.62 8.01
CA VAL A 720 28.67 4.48 7.80
C VAL A 720 29.05 3.79 6.50
N ALA A 721 28.50 2.59 6.32
CA ALA A 721 28.68 1.81 5.10
C ALA A 721 27.35 1.20 4.70
N VAL A 722 27.05 1.24 3.40
CA VAL A 722 25.80 0.72 2.85
C VAL A 722 26.15 -0.37 1.84
N LEU A 723 25.58 -1.55 2.03
CA LEU A 723 25.83 -2.70 1.17
C LEU A 723 24.63 -2.98 0.28
N VAL A 724 24.92 -3.31 -0.99
CA VAL A 724 23.90 -3.68 -1.96
C VAL A 724 24.42 -4.81 -2.82
N PRO A 725 23.52 -5.67 -3.31
CA PRO A 725 23.93 -6.79 -4.16
C PRO A 725 24.00 -6.48 -5.65
N THR A 726 23.41 -5.38 -6.12
CA THR A 726 23.46 -4.99 -7.52
C THR A 726 24.04 -3.58 -7.63
N THR A 727 24.98 -3.41 -8.56
CA THR A 727 25.57 -2.09 -8.77
C THR A 727 24.51 -1.06 -9.12
N LEU A 728 23.43 -1.50 -9.78
CA LEU A 728 22.29 -0.62 -10.02
C LEU A 728 21.74 -0.09 -8.70
N LEU A 729 21.58 -0.95 -7.70
CA LEU A 729 21.08 -0.51 -6.41
C LEU A 729 22.04 0.44 -5.72
N ALA A 730 23.35 0.26 -5.92
CA ALA A 730 24.32 1.19 -5.39
C ALA A 730 24.10 2.60 -5.93
N ASP A 731 23.63 2.71 -7.18
CA ASP A 731 23.39 4.01 -7.80
C ASP A 731 22.01 4.57 -7.47
N GLN A 732 20.97 3.72 -7.50
CA GLN A 732 19.64 4.15 -7.09
C GLN A 732 19.67 4.80 -5.71
N HIS A 733 20.27 4.12 -4.74
CA HIS A 733 20.36 4.65 -3.38
C HIS A 733 21.23 5.91 -3.35
N LEU A 734 22.39 5.87 -4.00
CA LEU A 734 23.32 7.00 -3.95
C LEU A 734 22.65 8.28 -4.44
N GLN A 735 21.93 8.21 -5.57
CA GLN A 735 21.16 9.35 -6.01
C GLN A 735 20.08 9.71 -5.00
N THR A 736 19.39 8.69 -4.46
CA THR A 736 18.37 8.95 -3.45
C THR A 736 18.98 9.55 -2.18
N PHE A 737 20.15 9.03 -1.77
CA PHE A 737 20.88 9.63 -0.65
C PHE A 737 21.34 11.03 -0.98
N GLY A 738 22.03 11.19 -2.12
CA GLY A 738 22.59 12.49 -2.46
C GLY A 738 21.53 13.58 -2.61
N GLU A 739 20.48 13.29 -3.37
CA GLU A 739 19.36 14.23 -3.50
C GLU A 739 18.82 14.62 -2.13
N ARG A 740 18.55 13.61 -1.28
CA ARG A 740 18.02 13.88 0.05
C ARG A 740 19.06 14.59 0.91
N MET A 741 20.26 14.04 1.01
CA MET A 741 21.33 14.66 1.79
C MET A 741 22.10 15.66 0.97
N SER A 742 21.37 16.58 0.33
CA SER A 742 21.93 17.69 -0.40
C SER A 742 21.64 18.96 0.38
N GLY A 743 22.69 19.65 0.82
CA GLY A 743 22.57 20.77 1.74
C GLY A 743 23.11 20.49 3.12
N PHE A 744 23.54 19.26 3.41
CA PHE A 744 24.17 18.90 4.66
C PHE A 744 25.60 18.44 4.40
N PRO A 745 26.56 18.90 5.20
CA PRO A 745 27.97 18.55 4.95
C PRO A 745 28.28 17.10 5.30
N VAL A 746 27.96 16.18 4.40
CA VAL A 746 28.23 14.76 4.59
C VAL A 746 28.69 14.19 3.26
N THR A 747 29.95 13.77 3.19
CA THR A 747 30.48 13.14 1.99
C THR A 747 29.78 11.80 1.75
N ILE A 748 29.36 11.56 0.51
CA ILE A 748 28.53 10.40 0.19
C ILE A 748 29.09 9.62 -1.00
N LYS A 749 30.41 9.62 -1.17
CA LYS A 749 31.03 8.91 -2.27
C LYS A 749 30.60 7.45 -2.31
N GLY A 750 30.56 6.88 -3.50
CA GLY A 750 30.13 5.52 -3.69
C GLY A 750 31.19 4.62 -4.31
N LEU A 751 30.98 3.30 -4.26
CA LEU A 751 31.94 2.35 -4.81
C LEU A 751 31.16 1.24 -5.52
N SER A 752 31.03 1.37 -6.84
CA SER A 752 30.40 0.36 -7.67
C SER A 752 31.43 -0.28 -8.59
N ARG A 753 30.97 -1.19 -9.45
CA ARG A 753 31.86 -1.86 -10.39
C ARG A 753 32.41 -0.89 -11.41
N PHE A 754 31.55 -0.03 -11.97
CA PHE A 754 31.95 0.89 -13.03
C PHE A 754 32.63 2.14 -12.49
N THR A 755 32.91 2.21 -11.20
CA THR A 755 33.78 3.23 -10.64
C THR A 755 35.21 2.75 -10.81
N ASP A 756 35.91 3.32 -11.80
CA ASP A 756 37.25 2.87 -12.16
C ASP A 756 38.17 2.85 -10.94
N ALA A 757 39.21 2.01 -11.01
CA ALA A 757 40.13 1.86 -9.88
C ALA A 757 40.76 3.19 -9.49
N ALA A 758 40.91 4.11 -10.44
CA ALA A 758 41.37 5.45 -10.12
C ALA A 758 40.42 6.17 -9.18
N GLU A 759 39.14 5.79 -9.17
CA GLU A 759 38.19 6.27 -8.17
C GLU A 759 38.17 5.40 -6.91
N SER A 760 38.61 4.15 -7.01
CA SER A 760 38.66 3.28 -5.84
C SER A 760 39.67 3.79 -4.83
N ARG A 761 40.92 3.97 -5.25
CA ARG A 761 41.98 4.42 -4.35
C ARG A 761 41.65 5.76 -3.69
N ALA A 762 40.79 6.56 -4.31
CA ALA A 762 40.31 7.78 -3.66
C ALA A 762 39.24 7.48 -2.62
N VAL A 763 38.40 6.48 -2.86
CA VAL A 763 37.37 6.11 -1.89
C VAL A 763 37.99 5.41 -0.68
N ILE A 764 38.73 4.33 -0.93
CA ILE A 764 39.30 3.53 0.16
C ILE A 764 40.15 4.40 1.07
N ASP A 765 41.11 5.14 0.50
CA ASP A 765 41.89 6.08 1.29
C ASP A 765 40.99 7.12 1.95
N GLY A 766 39.98 7.60 1.22
CA GLY A 766 39.01 8.51 1.81
C GLY A 766 38.22 7.88 2.93
N LEU A 767 38.07 6.55 2.91
CA LEU A 767 37.41 5.86 4.01
C LEU A 767 38.28 5.83 5.26
N ALA A 768 39.60 5.77 5.10
CA ALA A 768 40.50 5.63 6.24
C ALA A 768 40.69 6.95 6.98
N ASP A 769 40.87 8.05 6.26
CA ASP A 769 41.14 9.35 6.88
C ASP A 769 39.90 10.03 7.45
N GLY A 770 38.77 9.35 7.50
CA GLY A 770 37.57 9.93 8.05
C GLY A 770 36.95 11.04 7.22
N SER A 771 37.24 11.08 5.92
CA SER A 771 36.62 12.05 5.03
C SER A 771 35.30 11.54 4.45
N VAL A 772 35.26 10.27 4.06
CA VAL A 772 34.04 9.67 3.51
C VAL A 772 33.08 9.45 4.67
N ASP A 773 32.11 10.36 4.81
CA ASP A 773 31.11 10.21 5.87
C ASP A 773 30.19 9.02 5.60
N ILE A 774 29.86 8.77 4.34
CA ILE A 774 28.94 7.71 3.95
C ILE A 774 29.44 7.06 2.67
N VAL A 775 29.55 5.74 2.67
CA VAL A 775 29.95 4.97 1.49
C VAL A 775 28.81 4.00 1.14
N ILE A 776 28.51 3.91 -0.15
CA ILE A 776 27.50 3.00 -0.69
C ILE A 776 28.18 2.15 -1.75
N GLY A 777 28.11 0.83 -1.59
CA GLY A 777 28.87 -0.02 -2.48
C GLY A 777 28.36 -1.44 -2.58
N THR A 778 28.80 -2.11 -3.65
CA THR A 778 28.53 -3.53 -3.89
C THR A 778 29.48 -4.38 -3.04
N HIS A 779 29.58 -5.68 -3.36
CA HIS A 779 30.41 -6.60 -2.59
C HIS A 779 31.89 -6.21 -2.62
N ARG A 780 32.23 -5.17 -3.38
CA ARG A 780 33.60 -4.66 -3.37
C ARG A 780 34.00 -4.17 -1.97
N LEU A 781 33.04 -3.66 -1.19
CA LEU A 781 33.32 -3.21 0.17
C LEU A 781 33.68 -4.36 1.11
N LEU A 782 33.43 -5.61 0.72
CA LEU A 782 33.74 -6.75 1.58
C LEU A 782 35.17 -7.26 1.39
N GLN A 783 35.78 -7.01 0.23
CA GLN A 783 37.08 -7.58 -0.06
C GLN A 783 38.14 -7.03 0.90
N THR A 784 39.34 -7.61 0.80
CA THR A 784 40.33 -7.51 1.88
C THR A 784 40.76 -6.07 2.15
N GLY A 785 41.42 -5.45 1.18
CA GLY A 785 42.16 -4.21 1.42
C GLY A 785 41.31 -2.99 1.67
N VAL A 786 40.33 -3.10 2.57
CA VAL A 786 39.46 -1.99 2.95
C VAL A 786 39.52 -1.82 4.46
N ARG A 787 39.26 -0.61 4.92
CA ARG A 787 39.29 -0.30 6.35
C ARG A 787 38.55 1.01 6.59
N TRP A 788 37.66 1.01 7.58
CA TRP A 788 36.92 2.19 7.99
C TRP A 788 37.50 2.73 9.29
N LYS A 789 37.57 4.06 9.40
CA LYS A 789 37.97 4.69 10.65
C LYS A 789 36.82 4.63 11.65
N ASP A 790 36.73 3.53 12.40
CA ASP A 790 35.69 3.31 13.41
C ASP A 790 34.30 3.39 12.79
N LEU A 791 34.04 2.43 11.90
CA LEU A 791 32.72 2.30 11.28
C LEU A 791 31.66 2.15 12.37
N GLY A 792 30.56 2.88 12.19
CA GLY A 792 29.53 2.93 13.22
C GLY A 792 28.18 2.34 12.87
N LEU A 793 27.90 2.16 11.57
CA LEU A 793 26.60 1.68 11.15
C LEU A 793 26.71 0.98 9.81
N VAL A 794 26.15 -0.23 9.73
CA VAL A 794 26.12 -1.02 8.50
C VAL A 794 24.66 -1.25 8.12
N VAL A 795 24.33 -0.95 6.88
CA VAL A 795 23.00 -1.20 6.32
C VAL A 795 23.16 -2.14 5.14
N VAL A 796 22.51 -3.31 5.22
CA VAL A 796 22.50 -4.30 4.14
C VAL A 796 21.10 -4.35 3.55
N ASP A 797 21.02 -4.32 2.23
CA ASP A 797 19.75 -4.24 1.51
C ASP A 797 19.54 -5.56 0.77
N GLU A 798 18.46 -6.27 1.10
CA GLU A 798 18.07 -7.51 0.44
C GLU A 798 19.19 -8.55 0.51
N GLU A 799 19.44 -8.99 1.74
CA GLU A 799 20.51 -9.97 2.00
C GLU A 799 20.42 -11.19 1.11
N GLN A 800 19.20 -11.57 0.69
CA GLN A 800 19.00 -12.83 -0.01
C GLN A 800 19.83 -12.91 -1.29
N ARG A 801 19.92 -11.81 -2.04
CA ARG A 801 20.67 -11.82 -3.28
C ARG A 801 22.17 -11.97 -3.06
N PHE A 802 22.66 -11.69 -1.85
CA PHE A 802 24.09 -11.75 -1.59
C PHE A 802 24.60 -13.18 -1.68
N GLY A 803 25.82 -13.32 -2.17
CA GLY A 803 26.43 -14.63 -2.34
C GLY A 803 26.63 -15.36 -1.02
N VAL A 804 27.10 -16.60 -1.14
CA VAL A 804 27.27 -17.46 0.03
C VAL A 804 28.37 -16.91 0.94
N GLU A 805 29.60 -16.86 0.44
CA GLU A 805 30.73 -16.43 1.27
C GLU A 805 30.60 -14.97 1.70
N HIS A 806 29.84 -14.16 0.96
CA HIS A 806 29.54 -12.81 1.42
C HIS A 806 28.51 -12.83 2.55
N LYS A 807 27.60 -13.80 2.53
CA LYS A 807 26.58 -13.91 3.58
C LYS A 807 27.18 -14.23 4.94
N GLU A 808 28.40 -14.76 4.98
CA GLU A 808 29.09 -14.98 6.26
C GLU A 808 29.90 -13.76 6.69
N HIS A 809 30.56 -13.09 5.75
CA HIS A 809 31.35 -11.91 6.09
C HIS A 809 30.48 -10.82 6.71
N ILE A 810 29.16 -10.88 6.52
CA ILE A 810 28.25 -10.02 7.26
C ILE A 810 27.82 -10.67 8.57
N LYS A 811 27.79 -12.01 8.62
CA LYS A 811 27.51 -12.70 9.88
C LYS A 811 28.60 -12.42 10.90
N SER A 812 29.85 -12.32 10.45
CA SER A 812 30.97 -11.89 11.29
C SER A 812 31.00 -10.38 11.49
N LEU A 813 29.92 -9.67 11.13
CA LEU A 813 29.86 -8.23 11.22
C LEU A 813 28.78 -7.72 12.16
N ARG A 814 27.75 -8.52 12.47
CA ARG A 814 26.67 -8.08 13.34
C ARG A 814 27.07 -7.99 14.80
N THR A 815 28.27 -8.44 15.16
CA THR A 815 28.67 -8.58 16.56
C THR A 815 29.24 -7.29 17.16
N HIS A 816 29.84 -6.42 16.35
CA HIS A 816 30.59 -5.29 16.88
C HIS A 816 30.16 -3.95 16.28
N VAL A 817 29.12 -3.92 15.45
CA VAL A 817 28.64 -2.68 14.85
C VAL A 817 27.15 -2.82 14.60
N ASP A 818 26.43 -1.71 14.76
CA ASP A 818 24.97 -1.70 14.69
C ASP A 818 24.54 -1.92 13.24
N VAL A 819 24.55 -3.18 12.82
CA VAL A 819 24.05 -3.52 11.50
C VAL A 819 22.55 -3.18 11.42
N LEU A 820 22.11 -2.85 10.21
CA LEU A 820 20.69 -2.61 9.95
C LEU A 820 20.31 -3.45 8.73
N THR A 821 19.78 -4.63 9.00
CA THR A 821 19.36 -5.53 7.92
C THR A 821 18.02 -5.09 7.36
N MET A 822 17.91 -5.11 6.04
CA MET A 822 16.65 -4.83 5.37
C MET A 822 16.49 -5.80 4.23
N SER A 823 15.26 -6.27 4.03
CA SER A 823 14.96 -7.29 3.03
C SER A 823 13.64 -6.96 2.36
N ALA A 824 13.26 -7.80 1.40
CA ALA A 824 11.97 -7.72 0.75
C ALA A 824 11.13 -8.98 0.95
N THR A 825 11.71 -10.06 1.47
CA THR A 825 10.94 -11.25 1.77
C THR A 825 9.88 -10.94 2.82
N PRO A 826 8.61 -11.25 2.56
CA PRO A 826 7.54 -10.91 3.52
C PRO A 826 7.48 -11.92 4.66
N ILE A 827 7.49 -11.41 5.89
CA ILE A 827 7.59 -12.26 7.09
C ILE A 827 6.23 -12.35 7.76
N PRO A 828 5.82 -13.52 8.25
CA PRO A 828 4.55 -13.63 8.97
C PRO A 828 4.65 -13.03 10.37
N ARG A 829 3.48 -12.73 10.95
CA ARG A 829 3.46 -12.08 12.25
C ARG A 829 3.91 -13.00 13.39
N THR A 830 4.29 -14.25 13.10
CA THR A 830 4.85 -15.11 14.14
C THR A 830 6.26 -14.66 14.51
N LEU A 831 7.17 -14.69 13.54
CA LEU A 831 8.58 -14.36 13.79
C LEU A 831 8.74 -13.01 14.49
N GLU A 832 8.04 -11.99 13.98
CA GLU A 832 8.12 -10.65 14.56
C GLU A 832 7.86 -10.65 16.07
N MET A 833 7.13 -11.65 16.58
CA MET A 833 6.97 -11.86 18.01
C MET A 833 7.54 -13.17 18.52
N SER A 834 7.66 -14.20 17.66
CA SER A 834 8.24 -15.47 18.10
C SER A 834 9.67 -15.28 18.58
N LEU A 835 10.45 -14.47 17.87
CA LEU A 835 11.78 -14.04 18.29
C LEU A 835 11.81 -12.51 18.37
N ALA A 836 11.37 -11.99 19.51
CA ALA A 836 11.37 -10.55 19.74
C ALA A 836 12.44 -10.12 20.74
N GLY A 837 13.14 -11.06 21.34
CA GLY A 837 14.18 -10.75 22.30
C GLY A 837 15.51 -11.00 21.63
N ILE A 838 15.62 -12.12 20.90
CA ILE A 838 16.74 -12.43 20.05
C ILE A 838 17.20 -11.50 18.85
N ARG A 839 16.52 -11.69 17.73
CA ARG A 839 16.57 -10.76 16.61
C ARG A 839 15.27 -9.96 16.45
N GLU A 840 15.35 -8.66 16.71
CA GLU A 840 14.18 -7.79 16.64
C GLU A 840 13.87 -7.51 15.18
N MET A 841 12.84 -8.17 14.64
CA MET A 841 12.45 -7.98 13.26
C MET A 841 11.20 -7.14 13.17
N SER A 842 11.06 -6.41 12.05
CA SER A 842 9.91 -5.55 11.83
C SER A 842 9.48 -5.69 10.37
N THR A 843 8.18 -5.58 10.15
CA THR A 843 7.58 -5.74 8.83
C THR A 843 6.79 -4.48 8.49
N ILE A 844 7.23 -3.77 7.46
CA ILE A 844 6.54 -2.56 7.03
C ILE A 844 5.80 -2.87 5.74
N LEU A 845 4.74 -2.11 5.47
CA LEU A 845 3.93 -2.32 4.29
C LEU A 845 3.16 -1.04 4.01
N THR A 846 3.19 -0.59 2.76
CA THR A 846 2.40 0.57 2.36
C THR A 846 0.93 0.27 2.60
N PRO A 847 0.23 1.06 3.40
CA PRO A 847 -1.19 0.77 3.69
C PRO A 847 -2.02 0.75 2.42
N PRO A 848 -2.87 -0.27 2.26
CA PRO A 848 -3.56 -0.44 0.96
C PRO A 848 -4.35 0.77 0.48
N GLU A 849 -5.01 1.49 1.39
CA GLU A 849 -5.80 2.65 0.96
C GLU A 849 -4.94 3.80 0.43
N GLU A 850 -3.61 3.67 0.46
CA GLU A 850 -2.71 4.69 -0.05
C GLU A 850 -1.96 4.26 -1.30
N ARG A 851 -2.17 3.03 -1.78
CA ARG A 851 -1.55 2.58 -3.01
C ARG A 851 -2.57 2.62 -4.15
N TYR A 852 -2.14 3.12 -5.30
CA TYR A 852 -3.01 3.21 -6.47
C TYR A 852 -2.86 1.93 -7.29
N PRO A 853 -3.91 1.13 -7.43
CA PRO A 853 -3.77 -0.16 -8.10
C PRO A 853 -3.37 -0.01 -9.56
N VAL A 854 -3.01 -1.13 -10.16
CA VAL A 854 -2.57 -1.17 -11.55
C VAL A 854 -3.69 -1.75 -12.40
N LEU A 855 -3.94 -1.10 -13.54
CA LEU A 855 -5.07 -1.46 -14.41
C LEU A 855 -4.73 -2.73 -15.16
N THR A 856 -5.22 -3.86 -14.64
CA THR A 856 -4.90 -5.17 -15.21
C THR A 856 -5.77 -5.44 -16.42
N TYR A 857 -5.18 -6.08 -17.43
CA TYR A 857 -5.91 -6.53 -18.60
C TYR A 857 -5.59 -7.99 -18.87
N VAL A 858 -6.60 -8.73 -19.33
CA VAL A 858 -6.45 -10.14 -19.68
C VAL A 858 -7.18 -10.35 -21.02
N GLY A 859 -6.41 -10.61 -22.08
CA GLY A 859 -6.96 -10.79 -23.39
C GLY A 859 -6.09 -11.65 -24.28
N PRO A 860 -6.58 -12.00 -25.47
CA PRO A 860 -5.77 -12.80 -26.40
C PRO A 860 -4.53 -12.05 -26.84
N HIS A 861 -3.55 -12.82 -27.31
CA HIS A 861 -2.25 -12.28 -27.71
C HIS A 861 -2.42 -11.60 -29.06
N ASP A 862 -2.70 -10.30 -29.05
CA ASP A 862 -2.85 -9.50 -30.26
C ASP A 862 -1.63 -8.60 -30.42
N ASP A 863 -1.07 -8.59 -31.63
CA ASP A 863 0.13 -7.82 -31.92
C ASP A 863 -0.13 -6.32 -32.10
N LYS A 864 -1.39 -5.89 -32.08
CA LYS A 864 -1.73 -4.47 -32.12
C LYS A 864 -1.92 -3.91 -30.71
N GLN A 865 -2.82 -4.54 -29.94
CA GLN A 865 -3.08 -4.10 -28.56
C GLN A 865 -1.79 -3.99 -27.75
N ILE A 866 -0.81 -4.87 -28.01
CA ILE A 866 0.51 -4.72 -27.41
C ILE A 866 1.16 -3.42 -27.86
N ALA A 867 1.37 -3.28 -29.17
CA ALA A 867 2.04 -2.11 -29.70
C ALA A 867 1.27 -0.83 -29.42
N ALA A 868 -0.06 -0.87 -29.60
CA ALA A 868 -0.89 0.29 -29.28
C ALA A 868 -0.77 0.66 -27.81
N ALA A 869 -0.60 -0.32 -26.92
CA ALA A 869 -0.36 -0.03 -25.51
C ALA A 869 1.05 0.51 -25.29
N LEU A 870 2.04 -0.09 -25.97
CA LEU A 870 3.43 0.33 -25.79
C LEU A 870 3.63 1.82 -26.06
N ARG A 871 3.09 2.30 -27.17
CA ARG A 871 3.27 3.70 -27.53
C ARG A 871 2.66 4.64 -26.49
N ARG A 872 1.63 4.20 -25.78
CA ARG A 872 1.04 5.02 -24.73
C ARG A 872 2.05 5.36 -23.65
N GLU A 873 2.57 4.33 -22.97
CA GLU A 873 3.60 4.53 -21.97
C GLU A 873 4.82 5.24 -22.57
N LEU A 874 5.12 4.95 -23.84
CA LEU A 874 6.23 5.59 -24.52
C LEU A 874 5.99 7.08 -24.75
N LEU A 875 4.73 7.53 -24.75
CA LEU A 875 4.44 8.94 -24.96
C LEU A 875 4.98 9.80 -23.81
N ARG A 876 4.72 9.39 -22.57
CA ARG A 876 5.18 10.11 -21.40
C ARG A 876 6.64 9.81 -21.06
N ASP A 877 7.41 9.31 -22.02
CA ASP A 877 8.83 8.98 -21.83
C ASP A 877 9.02 7.99 -20.68
N GLY A 878 8.14 6.99 -20.63
CA GLY A 878 8.29 5.88 -19.73
C GLY A 878 8.80 4.65 -20.45
N GLN A 879 9.18 3.65 -19.65
CA GLN A 879 9.66 2.38 -20.17
C GLN A 879 8.61 1.30 -19.89
N ALA A 880 8.91 0.07 -20.28
CA ALA A 880 7.96 -1.01 -20.11
C ALA A 880 8.69 -2.34 -19.99
N PHE A 881 8.09 -3.26 -19.24
CA PHE A 881 8.62 -4.61 -19.07
C PHE A 881 7.83 -5.54 -19.98
N TYR A 882 8.53 -6.25 -20.86
CA TYR A 882 7.93 -7.22 -21.75
C TYR A 882 8.57 -8.56 -21.40
N VAL A 883 7.95 -9.29 -20.47
CA VAL A 883 8.56 -10.50 -19.92
C VAL A 883 8.35 -11.68 -20.87
N HIS A 884 9.33 -12.58 -20.89
CA HIS A 884 9.26 -13.79 -21.70
C HIS A 884 10.19 -14.81 -21.04
N ASN A 885 9.63 -15.90 -20.54
CA ASN A 885 10.38 -16.82 -19.69
C ASN A 885 11.31 -17.71 -20.50
N ARG A 886 10.74 -18.51 -21.41
CA ARG A 886 11.50 -19.51 -22.14
C ARG A 886 12.66 -18.85 -22.88
N VAL A 887 13.89 -19.12 -22.42
CA VAL A 887 15.06 -18.37 -22.86
C VAL A 887 15.48 -18.71 -24.29
N SER A 888 14.85 -19.71 -24.91
CA SER A 888 15.19 -20.06 -26.29
C SER A 888 14.53 -19.14 -27.31
N SER A 889 13.43 -18.49 -26.95
CA SER A 889 12.71 -17.61 -27.87
C SER A 889 12.88 -16.13 -27.56
N ILE A 890 13.37 -15.77 -26.36
CA ILE A 890 13.39 -14.37 -25.95
C ILE A 890 14.21 -13.53 -26.91
N ASP A 891 15.34 -14.06 -27.39
CA ASP A 891 16.14 -13.36 -28.39
C ASP A 891 15.34 -13.16 -29.68
N ALA A 892 14.66 -14.21 -30.13
CA ALA A 892 13.82 -14.09 -31.32
C ALA A 892 12.58 -13.25 -31.03
N ALA A 893 11.87 -13.56 -29.94
CA ALA A 893 10.70 -12.78 -29.54
C ALA A 893 11.05 -11.32 -29.24
N ALA A 894 12.32 -10.99 -29.06
CA ALA A 894 12.72 -9.61 -28.86
C ALA A 894 12.48 -8.78 -30.11
N ALA A 895 13.11 -9.15 -31.23
CA ALA A 895 12.95 -8.41 -32.47
C ALA A 895 11.49 -8.39 -32.93
N ARG A 896 10.74 -9.45 -32.65
CA ARG A 896 9.31 -9.46 -32.96
C ARG A 896 8.59 -8.26 -32.37
N VAL A 897 9.08 -7.74 -31.23
CA VAL A 897 8.56 -6.48 -30.69
C VAL A 897 8.90 -5.33 -31.62
N ARG A 898 10.16 -5.25 -32.06
CA ARG A 898 10.60 -4.12 -32.87
C ARG A 898 9.78 -3.98 -34.15
N GLU A 899 9.40 -5.11 -34.76
CA GLU A 899 8.55 -5.02 -35.94
C GLU A 899 7.21 -4.39 -35.61
N LEU A 900 6.73 -4.53 -34.37
CA LEU A 900 5.55 -3.81 -33.93
C LEU A 900 5.87 -2.35 -33.63
N VAL A 901 6.87 -2.11 -32.78
CA VAL A 901 7.26 -0.75 -32.42
C VAL A 901 8.72 -0.51 -32.79
N PRO A 902 9.02 -0.15 -34.03
CA PRO A 902 10.43 0.13 -34.38
C PRO A 902 10.93 1.45 -33.82
N GLU A 903 10.04 2.40 -33.56
CA GLU A 903 10.42 3.71 -33.04
C GLU A 903 10.99 3.63 -31.63
N ALA A 904 10.79 2.51 -30.93
CA ALA A 904 11.23 2.35 -29.56
C ALA A 904 12.55 1.59 -29.50
N ARG A 905 13.09 1.50 -28.29
CA ARG A 905 14.35 0.83 -28.02
C ARG A 905 14.09 -0.36 -27.12
N VAL A 906 14.59 -1.54 -27.52
CA VAL A 906 14.32 -2.78 -26.80
C VAL A 906 15.65 -3.44 -26.44
N VAL A 907 15.64 -4.23 -25.37
CA VAL A 907 16.83 -4.94 -24.90
C VAL A 907 16.42 -6.27 -24.30
N VAL A 908 17.34 -7.22 -24.35
CA VAL A 908 17.18 -8.56 -23.78
C VAL A 908 17.90 -8.59 -22.43
N ALA A 909 17.34 -9.37 -21.49
CA ALA A 909 17.93 -9.53 -20.17
C ALA A 909 17.38 -10.79 -19.55
N HIS A 910 18.26 -11.62 -18.97
CA HIS A 910 17.84 -12.87 -18.33
C HIS A 910 18.94 -13.31 -17.38
N GLY A 911 18.65 -14.39 -16.64
CA GLY A 911 19.60 -14.87 -15.65
C GLY A 911 20.84 -15.49 -16.27
N GLN A 912 20.68 -16.22 -17.37
CA GLN A 912 21.82 -16.85 -18.02
C GLN A 912 22.82 -15.84 -18.57
N MET A 913 22.45 -14.57 -18.61
CA MET A 913 23.42 -13.54 -18.97
C MET A 913 24.52 -13.50 -17.92
N PRO A 914 25.78 -13.35 -18.32
CA PRO A 914 26.88 -13.29 -17.35
C PRO A 914 26.76 -12.05 -16.48
N GLU A 915 27.60 -12.01 -15.44
CA GLU A 915 27.59 -10.91 -14.49
C GLU A 915 27.86 -9.57 -15.18
N ASP A 916 28.87 -9.53 -16.03
CA ASP A 916 29.29 -8.27 -16.65
C ASP A 916 28.22 -7.71 -17.58
N LEU A 917 27.47 -8.59 -18.25
CA LEU A 917 26.48 -8.13 -19.20
C LEU A 917 25.18 -7.71 -18.53
N LEU A 918 24.79 -8.39 -17.46
CA LEU A 918 23.48 -8.16 -16.86
C LEU A 918 23.42 -6.79 -16.19
N GLU A 919 24.27 -6.56 -15.19
CA GLU A 919 24.27 -5.27 -14.51
C GLU A 919 24.70 -4.12 -15.42
N THR A 920 25.15 -4.42 -16.64
CA THR A 920 25.36 -3.42 -17.68
C THR A 920 24.07 -3.14 -18.45
N THR A 921 23.45 -4.19 -18.98
CA THR A 921 22.19 -4.04 -19.70
C THR A 921 21.14 -3.36 -18.84
N VAL A 922 21.09 -3.71 -17.54
CA VAL A 922 20.13 -3.09 -16.64
C VAL A 922 20.50 -1.64 -16.36
N GLN A 923 21.81 -1.36 -16.22
CA GLN A 923 22.22 0.01 -15.90
C GLN A 923 21.93 0.98 -17.05
N ARG A 924 22.03 0.51 -18.29
CA ARG A 924 21.56 1.31 -19.41
C ARG A 924 20.07 1.58 -19.29
N PHE A 925 19.30 0.55 -18.91
CA PHE A 925 17.86 0.69 -18.78
C PHE A 925 17.49 1.81 -17.80
N TRP A 926 18.08 1.79 -16.62
CA TRP A 926 17.79 2.81 -15.62
C TRP A 926 18.22 4.20 -16.08
N ASN A 927 19.17 4.29 -17.01
CA ASN A 927 19.67 5.57 -17.50
C ASN A 927 19.02 5.99 -18.82
N ARG A 928 17.89 5.37 -19.18
CA ARG A 928 17.08 5.79 -20.32
C ARG A 928 17.84 5.73 -21.64
N GLU A 929 18.67 4.70 -21.80
CA GLU A 929 19.21 4.36 -23.11
C GLU A 929 18.31 3.39 -23.86
N HIS A 930 17.20 2.97 -23.27
CA HIS A 930 16.32 1.98 -23.87
C HIS A 930 14.89 2.28 -23.43
N ASP A 931 13.94 1.54 -23.99
CA ASP A 931 12.54 1.84 -23.76
C ASP A 931 11.74 0.61 -23.34
N ILE A 932 12.15 -0.58 -23.78
CA ILE A 932 11.45 -1.82 -23.47
C ILE A 932 12.46 -2.87 -23.05
N LEU A 933 12.16 -3.60 -21.98
CA LEU A 933 13.02 -4.64 -21.45
C LEU A 933 12.37 -6.00 -21.68
N VAL A 934 13.00 -6.83 -22.50
CA VAL A 934 12.57 -8.24 -22.65
C VAL A 934 13.32 -9.02 -21.59
N CYS A 935 12.77 -9.03 -20.38
CA CYS A 935 13.34 -9.75 -19.26
C CYS A 935 12.63 -11.08 -19.05
N THR A 936 13.15 -11.86 -18.12
CA THR A 936 12.48 -13.07 -17.65
C THR A 936 11.91 -12.79 -16.25
N THR A 937 11.08 -13.73 -15.77
CA THR A 937 10.33 -13.52 -14.54
C THR A 937 11.23 -13.11 -13.38
N ILE A 938 12.50 -13.50 -13.40
CA ILE A 938 13.41 -13.14 -12.33
C ILE A 938 13.77 -11.66 -12.40
N VAL A 939 14.32 -11.21 -13.54
CA VAL A 939 14.84 -9.86 -13.66
C VAL A 939 13.74 -8.82 -13.51
N GLU A 940 12.51 -9.16 -13.87
CA GLU A 940 11.39 -8.26 -13.60
C GLU A 940 11.28 -7.98 -12.10
N THR A 941 11.34 -9.04 -11.29
CA THR A 941 11.49 -8.88 -9.85
C THR A 941 12.90 -8.36 -9.52
N GLY A 942 13.05 -7.84 -8.31
CA GLY A 942 14.33 -7.33 -7.88
C GLY A 942 14.84 -6.16 -8.70
N LEU A 943 13.97 -5.58 -9.52
CA LEU A 943 14.29 -4.39 -10.31
C LEU A 943 13.22 -3.35 -10.04
N ASP A 944 13.58 -2.29 -9.32
CA ASP A 944 12.67 -1.20 -8.99
C ASP A 944 13.03 -0.01 -9.86
N ILE A 945 12.16 0.31 -10.82
CA ILE A 945 12.37 1.43 -11.74
C ILE A 945 11.26 2.44 -11.47
N SER A 946 11.66 3.68 -11.17
CA SER A 946 10.72 4.76 -10.88
C SER A 946 9.96 5.24 -12.12
N ASN A 947 10.11 4.60 -13.27
CA ASN A 947 9.43 5.01 -14.48
C ASN A 947 8.78 3.87 -15.27
N ALA A 948 9.24 2.63 -15.12
CA ALA A 948 8.76 1.52 -15.95
C ALA A 948 7.39 1.06 -15.44
N ASN A 949 6.38 1.89 -15.71
CA ASN A 949 5.00 1.62 -15.29
C ASN A 949 4.17 1.02 -16.43
N THR A 950 4.63 -0.10 -16.99
CA THR A 950 3.86 -0.85 -17.98
C THR A 950 4.42 -2.25 -18.10
N LEU A 951 3.62 -3.25 -17.76
CA LEU A 951 4.03 -4.64 -17.82
C LEU A 951 3.22 -5.38 -18.87
N ILE A 952 3.90 -6.23 -19.64
CA ILE A 952 3.26 -7.14 -20.59
C ILE A 952 3.82 -8.53 -20.36
N VAL A 953 2.95 -9.53 -20.37
CA VAL A 953 3.31 -10.91 -20.05
C VAL A 953 2.80 -11.81 -21.16
N GLU A 954 3.72 -12.30 -22.00
CA GLU A 954 3.36 -13.33 -22.97
C GLU A 954 3.13 -14.66 -22.27
N ARG A 955 2.08 -15.37 -22.68
CA ARG A 955 1.76 -16.70 -22.18
C ARG A 955 1.64 -16.71 -20.65
N ALA A 956 0.74 -15.87 -20.15
CA ALA A 956 0.48 -15.82 -18.72
C ALA A 956 -0.13 -17.12 -18.18
N ASP A 957 -0.47 -18.06 -19.06
CA ASP A 957 -1.04 -19.33 -18.65
C ASP A 957 -0.01 -20.26 -18.01
N THR A 958 1.28 -20.03 -18.24
CA THR A 958 2.34 -20.89 -17.70
C THR A 958 2.89 -20.36 -16.39
N PHE A 959 2.26 -19.37 -15.79
CA PHE A 959 2.77 -18.73 -14.58
C PHE A 959 1.86 -19.03 -13.39
N GLY A 960 2.45 -19.45 -12.29
CA GLY A 960 1.69 -19.57 -11.06
C GLY A 960 1.05 -18.26 -10.65
N LEU A 961 0.01 -18.38 -9.81
CA LEU A 961 -0.74 -17.21 -9.41
C LEU A 961 0.12 -16.19 -8.67
N SER A 962 1.12 -16.66 -7.91
CA SER A 962 1.90 -15.77 -7.06
C SER A 962 2.77 -14.82 -7.89
N GLN A 963 3.58 -15.37 -8.81
CA GLN A 963 4.58 -14.58 -9.53
C GLN A 963 3.99 -13.30 -10.12
N LEU A 964 2.76 -13.38 -10.63
CA LEU A 964 2.11 -12.20 -11.20
C LEU A 964 2.00 -11.08 -10.18
N HIS A 965 1.59 -11.41 -8.95
CA HIS A 965 1.51 -10.39 -7.91
C HIS A 965 2.86 -9.73 -7.67
N GLN A 966 3.94 -10.53 -7.73
CA GLN A 966 5.28 -9.96 -7.71
C GLN A 966 5.54 -9.15 -8.98
N LEU A 967 5.08 -9.66 -10.13
CA LEU A 967 5.38 -9.04 -11.41
C LEU A 967 4.83 -7.62 -11.50
N ARG A 968 3.51 -7.48 -11.46
CA ARG A 968 2.91 -6.14 -11.57
C ARG A 968 3.16 -5.29 -10.33
N GLY A 969 3.85 -5.82 -9.31
CA GLY A 969 4.25 -4.99 -8.20
C GLY A 969 5.27 -3.94 -8.59
N ARG A 970 6.00 -4.18 -9.68
CA ARG A 970 7.05 -3.26 -10.11
C ARG A 970 6.52 -2.06 -10.87
N VAL A 971 5.25 -2.05 -11.25
CA VAL A 971 4.65 -0.97 -12.02
C VAL A 971 3.70 -0.19 -11.12
N GLY A 972 3.66 1.13 -11.30
CA GLY A 972 2.79 1.97 -10.51
C GLY A 972 3.25 2.26 -9.10
N ARG A 973 4.57 2.19 -8.84
CA ARG A 973 5.07 2.50 -7.51
C ARG A 973 4.99 4.01 -7.23
N SER A 974 5.39 4.82 -8.20
CA SER A 974 5.38 6.27 -8.04
C SER A 974 3.97 6.80 -8.24
N ARG A 975 3.85 8.13 -8.37
CA ARG A 975 2.55 8.73 -8.63
C ARG A 975 1.99 8.32 -9.98
N GLU A 976 2.86 8.10 -10.96
CA GLU A 976 2.45 7.69 -12.30
C GLU A 976 1.67 6.38 -12.25
N ARG A 977 0.38 6.43 -12.60
CA ARG A 977 -0.42 5.22 -12.64
C ARG A 977 0.13 4.25 -13.67
N GLY A 978 0.05 2.96 -13.36
CA GLY A 978 0.65 1.92 -14.19
C GLY A 978 -0.37 0.92 -14.67
N TYR A 979 -0.09 0.32 -15.82
CA TYR A 979 -0.93 -0.70 -16.43
C TYR A 979 -0.26 -2.07 -16.30
N ALA A 980 -0.95 -3.10 -16.78
CA ALA A 980 -0.43 -4.46 -16.80
C ALA A 980 -1.25 -5.27 -17.79
N TYR A 981 -0.59 -5.87 -18.77
CA TYR A 981 -1.25 -6.60 -19.85
C TYR A 981 -0.84 -8.07 -19.77
N PHE A 982 -1.76 -8.93 -19.35
CA PHE A 982 -1.54 -10.37 -19.33
C PHE A 982 -2.18 -10.97 -20.57
N LEU A 983 -1.43 -11.81 -21.28
CA LEU A 983 -1.83 -12.32 -22.59
C LEU A 983 -1.81 -13.83 -22.59
N TYR A 984 -2.65 -14.41 -23.45
CA TYR A 984 -2.75 -15.85 -23.63
C TYR A 984 -2.84 -16.13 -25.12
N PRO A 985 -2.51 -17.35 -25.55
CA PRO A 985 -2.39 -17.65 -26.99
C PRO A 985 -3.67 -17.31 -27.75
N PRO A 986 -3.55 -17.02 -29.06
CA PRO A 986 -4.69 -16.43 -29.80
C PRO A 986 -5.96 -17.26 -29.80
N GLN A 987 -5.89 -18.49 -30.33
CA GLN A 987 -7.08 -19.30 -30.54
C GLN A 987 -7.04 -20.64 -29.82
N VAL A 988 -5.94 -20.96 -29.13
CA VAL A 988 -5.89 -22.16 -28.30
C VAL A 988 -6.62 -21.85 -27.00
N PRO A 989 -7.81 -22.40 -26.78
CA PRO A 989 -8.55 -22.07 -25.55
C PRO A 989 -7.83 -22.60 -24.33
N LEU A 990 -7.60 -21.72 -23.36
CA LEU A 990 -6.90 -22.10 -22.14
C LEU A 990 -7.82 -22.90 -21.22
N THR A 991 -7.21 -23.72 -20.37
CA THR A 991 -7.96 -24.50 -19.39
C THR A 991 -8.70 -23.56 -18.44
N GLU A 992 -9.97 -23.86 -18.18
CA GLU A 992 -10.76 -23.03 -17.29
C GLU A 992 -10.16 -22.94 -15.89
N THR A 993 -9.33 -23.92 -15.51
CA THR A 993 -8.54 -23.78 -14.29
C THR A 993 -7.60 -22.58 -14.40
N ALA A 994 -6.88 -22.48 -15.53
CA ALA A 994 -6.07 -21.29 -15.78
C ALA A 994 -6.93 -20.04 -15.94
N TYR A 995 -8.18 -20.22 -16.40
CA TYR A 995 -9.10 -19.09 -16.43
C TYR A 995 -9.40 -18.59 -15.02
N ASP A 996 -9.47 -19.51 -14.05
CA ASP A 996 -9.60 -19.09 -12.66
C ASP A 996 -8.40 -18.27 -12.22
N ARG A 997 -7.21 -18.57 -12.75
CA ARG A 997 -6.03 -17.75 -12.47
C ARG A 997 -6.22 -16.33 -12.99
N LEU A 998 -6.38 -16.19 -14.31
CA LEU A 998 -6.40 -14.88 -14.94
C LEU A 998 -7.65 -14.08 -14.63
N ALA A 999 -8.73 -14.73 -14.19
CA ALA A 999 -9.87 -13.98 -13.68
C ALA A 999 -9.60 -13.47 -12.27
N THR A 1000 -8.95 -14.28 -11.44
CA THR A 1000 -8.61 -13.87 -10.07
C THR A 1000 -7.78 -12.60 -10.06
N ILE A 1001 -6.80 -12.49 -10.96
CA ILE A 1001 -5.93 -11.32 -11.00
C ILE A 1001 -6.68 -10.09 -11.47
N ALA A 1002 -7.83 -10.27 -12.12
CA ALA A 1002 -8.62 -9.13 -12.60
C ALA A 1002 -9.55 -8.59 -11.53
N GLN A 1003 -10.11 -9.47 -10.71
CA GLN A 1003 -11.15 -9.12 -9.74
C GLN A 1003 -10.66 -9.31 -8.31
N ASN A 1004 -10.88 -8.26 -7.49
CA ASN A 1004 -10.41 -8.19 -6.10
C ASN A 1004 -8.96 -8.65 -5.96
N ASN A 1005 -8.05 -7.93 -6.61
CA ASN A 1005 -6.68 -8.39 -6.79
C ASN A 1005 -5.89 -8.32 -5.49
N GLU A 1006 -5.77 -7.12 -4.91
CA GLU A 1006 -4.80 -6.88 -3.84
C GLU A 1006 -5.01 -7.81 -2.66
N LEU A 1007 -6.27 -8.11 -2.33
CA LEU A 1007 -6.56 -9.09 -1.30
C LEU A 1007 -7.94 -9.68 -1.55
N GLY A 1008 -8.27 -10.72 -0.78
CA GLY A 1008 -9.53 -11.42 -0.95
C GLY A 1008 -9.37 -12.92 -0.79
N ALA A 1009 -10.20 -13.69 -1.50
CA ALA A 1009 -10.20 -15.14 -1.34
C ALA A 1009 -9.00 -15.77 -2.02
N GLY A 1010 -8.86 -15.57 -3.33
CA GLY A 1010 -7.88 -16.30 -4.13
C GLY A 1010 -6.43 -15.93 -3.89
N MET A 1011 -6.04 -14.71 -4.29
CA MET A 1011 -4.62 -14.35 -4.33
C MET A 1011 -3.99 -14.34 -2.94
N ALA A 1012 -4.77 -13.98 -1.91
CA ALA A 1012 -4.22 -13.95 -0.55
C ALA A 1012 -3.71 -15.32 -0.11
N VAL A 1013 -4.37 -16.39 -0.55
CA VAL A 1013 -3.89 -17.74 -0.25
C VAL A 1013 -2.49 -17.98 -0.83
N ALA A 1014 -2.11 -17.24 -1.86
CA ALA A 1014 -0.78 -17.39 -2.44
C ALA A 1014 0.29 -16.74 -1.54
N LEU A 1015 0.10 -15.48 -1.17
CA LEU A 1015 1.11 -14.79 -0.38
C LEU A 1015 1.17 -15.26 1.07
N LYS A 1016 0.19 -16.06 1.51
CA LYS A 1016 0.38 -16.81 2.75
C LYS A 1016 1.38 -17.93 2.55
N ASP A 1017 1.32 -18.61 1.40
CA ASP A 1017 2.35 -19.56 1.02
C ASP A 1017 3.70 -18.90 0.80
N LEU A 1018 3.72 -17.57 0.65
CA LEU A 1018 4.98 -16.82 0.53
C LEU A 1018 5.81 -16.86 1.81
N GLU A 1019 5.30 -17.48 2.88
CA GLU A 1019 6.08 -17.64 4.10
C GLU A 1019 7.31 -18.52 3.87
N ILE A 1020 7.36 -19.27 2.77
CA ILE A 1020 8.50 -20.15 2.50
C ILE A 1020 9.80 -19.36 2.54
N ARG A 1021 9.95 -18.38 1.64
CA ARG A 1021 11.12 -17.53 1.67
C ARG A 1021 11.06 -16.57 2.86
N GLY A 1022 9.88 -16.06 3.18
CA GLY A 1022 9.73 -15.15 4.29
C GLY A 1022 10.20 -15.72 5.61
N ALA A 1023 9.46 -16.71 6.14
CA ALA A 1023 9.87 -17.33 7.39
C ALA A 1023 11.19 -18.06 7.23
N GLY A 1024 11.40 -18.73 6.10
CA GLY A 1024 12.63 -19.46 5.86
C GLY A 1024 13.86 -18.59 5.64
N ASN A 1025 13.93 -17.91 4.49
CA ASN A 1025 15.18 -17.22 4.11
C ASN A 1025 15.54 -16.08 5.06
N VAL A 1026 14.61 -15.63 5.91
CA VAL A 1026 14.96 -14.61 6.90
C VAL A 1026 15.87 -15.20 7.99
N LEU A 1027 15.75 -16.50 8.25
CA LEU A 1027 16.55 -17.18 9.26
C LEU A 1027 17.11 -18.46 8.68
N GLY A 1028 18.44 -18.54 8.60
CA GLY A 1028 19.04 -19.68 7.93
C GLY A 1028 18.53 -19.81 6.51
N ILE A 1029 18.27 -21.05 6.10
CA ILE A 1029 17.77 -21.31 4.76
C ILE A 1029 16.81 -22.50 4.76
N GLU A 1030 16.28 -22.83 3.59
CA GLU A 1030 15.43 -24.01 3.42
C GLU A 1030 16.30 -25.26 3.41
N GLN A 1031 16.28 -26.02 4.50
CA GLN A 1031 16.91 -27.33 4.53
C GLN A 1031 15.94 -28.31 3.85
N SER A 1032 16.03 -28.35 2.52
CA SER A 1032 15.05 -29.05 1.69
C SER A 1032 14.82 -30.50 2.14
N GLY A 1033 15.79 -31.12 2.79
CA GLY A 1033 15.59 -32.48 3.26
C GLY A 1033 14.84 -32.61 4.57
N HIS A 1034 14.83 -31.56 5.39
CA HIS A 1034 14.20 -31.58 6.70
C HIS A 1034 12.87 -30.84 6.74
N VAL A 1035 12.33 -30.46 5.59
CA VAL A 1035 11.08 -29.70 5.50
C VAL A 1035 9.98 -30.52 4.84
N ALA A 1036 10.30 -31.23 3.75
CA ALA A 1036 9.31 -32.02 3.03
C ALA A 1036 8.92 -33.20 3.91
N GLY A 1037 7.78 -33.06 4.61
CA GLY A 1037 7.37 -34.02 5.61
C GLY A 1037 6.98 -33.36 6.91
N VAL A 1038 7.40 -32.11 7.13
CA VAL A 1038 6.98 -31.32 8.28
C VAL A 1038 6.34 -30.03 7.77
N GLY A 1039 6.77 -29.56 6.61
CA GLY A 1039 6.26 -28.31 6.06
C GLY A 1039 6.88 -27.08 6.68
N PHE A 1040 6.93 -25.98 5.92
CA PHE A 1040 7.59 -24.76 6.40
C PHE A 1040 6.95 -24.23 7.68
N ASP A 1041 5.63 -24.03 7.65
CA ASP A 1041 4.96 -23.38 8.77
C ASP A 1041 5.25 -24.08 10.10
N LEU A 1042 5.35 -25.40 10.09
CA LEU A 1042 5.65 -26.13 11.31
C LEU A 1042 7.13 -26.06 11.67
N TYR A 1043 8.00 -25.76 10.71
CA TYR A 1043 9.43 -25.66 11.00
C TYR A 1043 9.72 -24.40 11.81
N VAL A 1044 9.42 -23.23 11.23
CA VAL A 1044 9.68 -21.96 11.91
C VAL A 1044 8.84 -21.80 13.16
N ARG A 1045 7.71 -22.49 13.26
CA ARG A 1045 6.96 -22.53 14.50
C ARG A 1045 7.63 -23.42 15.54
N LEU A 1046 8.47 -24.35 15.11
CA LEU A 1046 9.10 -25.29 16.03
C LEU A 1046 10.32 -24.68 16.71
N VAL A 1047 11.17 -23.98 15.94
CA VAL A 1047 12.33 -23.31 16.53
C VAL A 1047 11.92 -22.19 17.46
N GLY A 1048 10.74 -21.61 17.25
CA GLY A 1048 10.23 -20.53 18.09
C GLY A 1048 10.18 -20.90 19.55
N GLU A 1049 9.36 -21.89 19.90
CA GLU A 1049 9.36 -22.39 21.27
C GLU A 1049 10.71 -22.99 21.63
N ALA A 1050 11.40 -23.62 20.67
CA ALA A 1050 12.75 -24.11 20.92
C ALA A 1050 13.69 -22.99 21.31
N LEU A 1051 13.47 -21.78 20.78
CA LEU A 1051 14.18 -20.61 21.27
C LEU A 1051 13.57 -20.11 22.59
N GLU A 1052 12.25 -20.18 22.71
CA GLU A 1052 11.60 -19.84 23.98
C GLU A 1052 12.09 -20.75 25.10
N THR A 1053 12.36 -22.02 24.80
CA THR A 1053 12.96 -22.90 25.79
C THR A 1053 14.35 -22.40 26.18
N TYR A 1054 15.12 -21.92 25.22
CA TYR A 1054 16.45 -21.38 25.51
C TYR A 1054 16.40 -19.97 26.09
N ARG A 1055 15.31 -19.24 25.87
CA ARG A 1055 15.15 -17.94 26.49
C ARG A 1055 14.94 -18.07 28.00
N ASP A 1056 13.88 -18.76 28.41
CA ASP A 1056 13.59 -18.97 29.82
C ASP A 1056 14.64 -19.82 30.52
N ALA A 1057 15.45 -20.57 29.76
CA ALA A 1057 16.40 -21.49 30.37
C ALA A 1057 17.34 -20.77 31.34
N TYR A 1058 18.16 -19.86 30.83
CA TYR A 1058 19.03 -19.10 31.71
C TYR A 1058 18.18 -18.14 32.55
N ARG A 1059 18.26 -18.30 33.87
CA ARG A 1059 17.43 -17.57 34.81
C ARG A 1059 18.28 -17.05 35.96
N ALA A 1060 19.46 -16.54 35.64
CA ALA A 1060 20.38 -16.03 36.64
C ALA A 1060 21.36 -15.02 36.02
N GLU A 1071 6.43 -28.94 27.68
CA GLU A 1071 6.00 -29.14 29.06
C GLU A 1071 4.64 -28.50 29.30
N GLU A 1072 4.03 -27.96 28.24
CA GLU A 1072 2.74 -27.28 28.36
C GLU A 1072 1.62 -28.30 28.45
N PRO A 1073 0.49 -27.93 29.08
CA PRO A 1073 -0.60 -28.89 29.28
C PRO A 1073 -1.16 -29.42 27.96
N LYS A 1074 -1.93 -30.50 28.08
CA LYS A 1074 -2.48 -31.21 26.92
C LYS A 1074 -3.72 -30.48 26.41
N ASP A 1075 -4.42 -31.11 25.47
CA ASP A 1075 -5.61 -30.52 24.85
C ASP A 1075 -6.86 -31.02 25.56
N VAL A 1076 -7.89 -30.16 25.56
CA VAL A 1076 -9.13 -30.42 26.28
C VAL A 1076 -10.27 -30.56 25.27
N ARG A 1077 -11.05 -31.62 25.39
CA ARG A 1077 -12.19 -31.90 24.51
C ARG A 1077 -13.49 -31.64 25.27
N ILE A 1078 -14.39 -30.87 24.66
CA ILE A 1078 -15.64 -30.48 25.28
C ILE A 1078 -16.80 -30.85 24.35
N ASP A 1079 -17.81 -31.52 24.92
CA ASP A 1079 -19.03 -31.88 24.19
C ASP A 1079 -20.21 -31.63 25.14
N LEU A 1080 -20.77 -30.43 25.07
CA LEU A 1080 -21.89 -30.06 25.94
C LEU A 1080 -23.12 -29.72 25.10
N PRO A 1081 -24.32 -30.03 25.62
CA PRO A 1081 -25.55 -29.70 24.88
C PRO A 1081 -25.80 -28.20 24.84
N VAL A 1082 -24.95 -27.48 24.10
CA VAL A 1082 -25.00 -26.03 24.04
C VAL A 1082 -24.93 -25.58 22.60
N ASP A 1083 -25.48 -24.39 22.33
CA ASP A 1083 -25.50 -23.82 20.98
C ASP A 1083 -24.32 -22.87 20.86
N ALA A 1084 -23.20 -23.40 20.38
CA ALA A 1084 -21.94 -22.65 20.26
C ALA A 1084 -21.46 -22.72 18.82
N HIS A 1085 -21.83 -21.72 18.01
CA HIS A 1085 -21.42 -21.68 16.61
C HIS A 1085 -21.55 -20.26 16.09
N LEU A 1086 -20.78 -19.97 15.06
CA LEU A 1086 -20.89 -18.71 14.32
C LEU A 1086 -21.99 -18.86 13.27
N PRO A 1087 -23.16 -18.26 13.48
CA PRO A 1087 -24.28 -18.47 12.56
C PRO A 1087 -24.04 -17.78 11.23
N PRO A 1088 -24.46 -18.39 10.11
CA PRO A 1088 -24.24 -17.75 8.81
C PRO A 1088 -24.89 -16.38 8.69
N ASP A 1089 -26.06 -16.19 9.29
CA ASP A 1089 -26.72 -14.89 9.27
C ASP A 1089 -25.93 -13.81 9.99
N TYR A 1090 -24.88 -14.19 10.72
CA TYR A 1090 -23.98 -13.25 11.37
C TYR A 1090 -22.69 -13.05 10.58
N ILE A 1091 -22.12 -14.11 10.04
CA ILE A 1091 -20.91 -14.06 9.22
C ILE A 1091 -21.26 -14.76 7.91
N ALA A 1092 -21.61 -13.98 6.89
CA ALA A 1092 -22.14 -14.57 5.66
C ALA A 1092 -21.11 -15.47 4.98
N SER A 1093 -19.89 -14.98 4.78
CA SER A 1093 -18.87 -15.73 4.07
C SER A 1093 -18.43 -16.96 4.87
N ASP A 1094 -17.55 -17.75 4.26
CA ASP A 1094 -16.97 -18.93 4.90
C ASP A 1094 -15.59 -18.65 5.48
N ARG A 1095 -14.70 -18.04 4.70
CA ARG A 1095 -13.36 -17.77 5.19
C ARG A 1095 -13.36 -16.75 6.32
N LEU A 1096 -14.18 -15.71 6.20
CA LEU A 1096 -14.32 -14.74 7.29
C LEU A 1096 -14.94 -15.38 8.53
N ARG A 1097 -15.57 -16.54 8.40
CA ARG A 1097 -16.06 -17.26 9.56
C ARG A 1097 -14.99 -18.15 10.18
N LEU A 1098 -14.07 -18.68 9.37
CA LEU A 1098 -13.01 -19.52 9.92
C LEU A 1098 -12.03 -18.72 10.76
N GLU A 1099 -11.71 -17.49 10.35
CA GLU A 1099 -10.78 -16.68 11.11
C GLU A 1099 -11.27 -16.48 12.54
N GLY A 1100 -12.53 -16.08 12.70
CA GLY A 1100 -13.09 -15.98 14.04
C GLY A 1100 -13.02 -17.29 14.80
N TYR A 1101 -13.34 -18.40 14.13
CA TYR A 1101 -13.15 -19.72 14.72
C TYR A 1101 -11.69 -19.94 15.11
N ARG A 1102 -10.76 -19.57 14.23
CA ARG A 1102 -9.34 -19.71 14.54
C ARG A 1102 -8.90 -18.66 15.57
N ARG A 1103 -9.15 -17.38 15.27
CA ARG A 1103 -8.67 -16.29 16.11
C ARG A 1103 -9.18 -16.39 17.54
N LEU A 1104 -10.26 -17.14 17.79
CA LEU A 1104 -10.75 -17.38 19.14
C LEU A 1104 -10.20 -18.66 19.73
N ALA A 1105 -10.02 -19.70 18.91
CA ALA A 1105 -9.51 -20.99 19.39
C ALA A 1105 -8.01 -20.97 19.66
N ALA A 1106 -7.31 -19.88 19.31
CA ALA A 1106 -5.88 -19.75 19.59
C ALA A 1106 -5.58 -18.82 20.74
N ALA A 1107 -6.56 -18.05 21.22
CA ALA A 1107 -6.35 -17.18 22.36
C ALA A 1107 -5.90 -18.00 23.58
N SER A 1108 -4.94 -17.45 24.32
CA SER A 1108 -4.35 -18.16 25.46
C SER A 1108 -4.87 -17.67 26.81
N SER A 1109 -5.62 -16.57 26.84
CA SER A 1109 -6.16 -16.05 28.08
C SER A 1109 -7.46 -15.31 27.79
N ASP A 1110 -8.32 -15.21 28.82
CA ASP A 1110 -9.59 -14.50 28.67
C ASP A 1110 -9.37 -13.08 28.16
N ARG A 1111 -8.28 -12.44 28.57
CA ARG A 1111 -7.92 -11.13 28.01
C ARG A 1111 -7.80 -11.21 26.50
N GLU A 1112 -7.25 -12.31 25.99
CA GLU A 1112 -7.22 -12.52 24.54
C GLU A 1112 -8.56 -13.01 24.01
N VAL A 1113 -9.23 -13.91 24.75
CA VAL A 1113 -10.54 -14.39 24.34
C VAL A 1113 -11.54 -13.24 24.28
N ALA A 1114 -11.69 -12.50 25.38
CA ALA A 1114 -12.58 -11.35 25.39
C ALA A 1114 -12.12 -10.22 24.49
N ALA A 1115 -10.98 -10.38 23.80
CA ALA A 1115 -10.50 -9.37 22.85
C ALA A 1115 -11.06 -9.56 21.46
N VAL A 1116 -11.19 -10.81 20.99
CA VAL A 1116 -11.73 -11.04 19.64
C VAL A 1116 -13.18 -10.58 19.55
N VAL A 1117 -13.93 -10.66 20.66
CA VAL A 1117 -15.28 -10.12 20.68
C VAL A 1117 -15.24 -8.63 20.39
N ASP A 1118 -14.28 -7.90 20.97
CA ASP A 1118 -14.11 -6.49 20.69
C ASP A 1118 -13.82 -6.24 19.21
N GLU A 1119 -13.41 -7.27 18.47
CA GLU A 1119 -13.21 -7.17 17.03
C GLU A 1119 -14.45 -7.60 16.25
N LEU A 1120 -15.12 -8.68 16.69
CA LEU A 1120 -16.27 -9.18 15.95
C LEU A 1120 -17.40 -8.18 15.92
N THR A 1121 -17.76 -7.61 17.07
CA THR A 1121 -18.78 -6.57 17.11
C THR A 1121 -18.35 -5.34 16.32
N ASP A 1122 -17.04 -5.12 16.21
CA ASP A 1122 -16.55 -4.01 15.42
C ASP A 1122 -16.69 -4.28 13.93
N ARG A 1123 -16.71 -5.55 13.53
CA ARG A 1123 -16.77 -5.92 12.11
C ARG A 1123 -18.13 -6.46 11.69
N TYR A 1124 -18.80 -7.23 12.54
CA TYR A 1124 -20.03 -7.93 12.15
C TYR A 1124 -21.26 -7.56 12.98
N GLY A 1125 -21.08 -6.88 14.10
CA GLY A 1125 -22.20 -6.53 14.97
C GLY A 1125 -22.18 -7.34 16.25
N ALA A 1126 -23.16 -7.03 17.11
CA ALA A 1126 -23.23 -7.67 18.42
C ALA A 1126 -23.31 -9.19 18.29
N LEU A 1127 -22.61 -9.88 19.18
CA LEU A 1127 -22.59 -11.33 19.16
C LEU A 1127 -23.97 -11.88 19.49
N PRO A 1128 -24.60 -12.63 18.59
CA PRO A 1128 -25.84 -13.31 18.95
C PRO A 1128 -25.59 -14.41 19.97
N GLU A 1129 -26.63 -14.73 20.72
CA GLU A 1129 -26.51 -15.73 21.79
C GLU A 1129 -25.84 -17.03 21.36
N PRO A 1130 -26.05 -17.57 20.16
CA PRO A 1130 -25.25 -18.75 19.75
C PRO A 1130 -23.75 -18.53 19.78
N ALA A 1131 -23.29 -17.28 19.64
CA ALA A 1131 -21.86 -16.98 19.70
C ALA A 1131 -21.38 -16.68 21.12
N ARG A 1132 -22.22 -16.03 21.94
CA ARG A 1132 -21.86 -15.79 23.33
C ARG A 1132 -21.53 -17.09 24.05
N ARG A 1133 -22.27 -18.15 23.75
CA ARG A 1133 -21.93 -19.47 24.28
C ARG A 1133 -20.57 -19.94 23.75
N LEU A 1134 -20.30 -19.68 22.46
CA LEU A 1134 -19.01 -20.07 21.91
C LEU A 1134 -17.86 -19.38 22.64
N ALA A 1135 -18.05 -18.10 22.98
CA ALA A 1135 -17.07 -17.43 23.83
C ALA A 1135 -17.05 -18.03 25.23
N ALA A 1136 -18.23 -18.44 25.73
CA ALA A 1136 -18.31 -18.99 27.07
C ALA A 1136 -17.49 -20.27 27.21
N VAL A 1137 -17.66 -21.22 26.27
CA VAL A 1137 -16.92 -22.47 26.32
C VAL A 1137 -15.43 -22.24 26.13
N ALA A 1138 -15.06 -21.15 25.45
CA ALA A 1138 -13.65 -20.83 25.28
C ALA A 1138 -12.97 -20.56 26.62
N ARG A 1139 -13.57 -19.68 27.43
CA ARG A 1139 -13.07 -19.44 28.78
C ARG A 1139 -13.07 -20.73 29.59
N LEU A 1140 -14.13 -21.53 29.48
CA LEU A 1140 -14.23 -22.77 30.24
C LEU A 1140 -13.04 -23.68 29.93
N ARG A 1141 -12.62 -23.72 28.67
CA ARG A 1141 -11.38 -24.45 28.33
C ARG A 1141 -10.20 -23.90 29.10
N LEU A 1142 -10.05 -22.57 29.11
CA LEU A 1142 -8.91 -21.94 29.78
C LEU A 1142 -8.91 -22.26 31.27
N LEU A 1143 -10.08 -22.19 31.91
CA LEU A 1143 -10.18 -22.60 33.31
C LEU A 1143 -9.88 -24.08 33.48
N CYS A 1144 -10.36 -24.91 32.54
CA CYS A 1144 -10.06 -26.33 32.57
C CYS A 1144 -8.56 -26.58 32.39
N ARG A 1145 -7.96 -25.97 31.36
CA ARG A 1145 -6.52 -26.08 31.16
C ARG A 1145 -5.76 -25.54 32.37
N GLY A 1146 -6.23 -24.44 32.94
CA GLY A 1146 -5.64 -23.90 34.15
C GLY A 1146 -5.91 -24.75 35.37
N SER A 1147 -6.51 -25.93 35.17
CA SER A 1147 -6.75 -26.87 36.26
C SER A 1147 -6.50 -28.32 35.86
N GLY A 1148 -5.90 -28.58 34.70
CA GLY A 1148 -5.58 -29.94 34.30
C GLY A 1148 -6.79 -30.78 33.96
N ILE A 1149 -7.45 -30.47 32.85
CA ILE A 1149 -8.69 -31.13 32.46
C ILE A 1149 -8.61 -31.47 30.97
N THR A 1150 -8.99 -32.69 30.61
CA THR A 1150 -8.96 -33.18 29.23
C THR A 1150 -10.35 -33.35 28.63
N ASP A 1151 -11.24 -34.08 29.30
CA ASP A 1151 -12.57 -34.39 28.75
C ASP A 1151 -13.63 -34.04 29.78
N VAL A 1152 -14.56 -33.15 29.40
CA VAL A 1152 -15.74 -32.83 30.21
C VAL A 1152 -16.94 -33.28 29.40
N THR A 1153 -17.43 -34.48 29.68
CA THR A 1153 -18.47 -35.12 28.88
C THR A 1153 -19.75 -35.30 29.69
N ALA A 1154 -20.82 -35.64 28.98
CA ALA A 1154 -22.12 -35.87 29.60
C ALA A 1154 -22.64 -37.27 29.26
N ALA A 1158 -27.12 -35.80 30.73
CA ALA A 1158 -27.67 -35.39 32.02
C ALA A 1158 -26.73 -35.75 33.15
N THR A 1159 -25.60 -36.37 32.80
CA THR A 1159 -24.58 -36.78 33.76
C THR A 1159 -23.27 -36.10 33.36
N VAL A 1160 -23.08 -34.87 33.82
CA VAL A 1160 -21.86 -34.12 33.49
C VAL A 1160 -20.69 -34.77 34.21
N ARG A 1161 -19.75 -35.31 33.44
CA ARG A 1161 -18.54 -35.90 33.98
C ARG A 1161 -17.32 -35.18 33.40
N LEU A 1162 -16.28 -35.07 34.22
CA LEU A 1162 -15.09 -34.31 33.87
C LEU A 1162 -13.87 -35.25 33.84
N SER A 1163 -12.70 -34.64 33.70
CA SER A 1163 -11.45 -35.34 33.43
C SER A 1163 -10.93 -36.07 34.66
N PRO A 1164 -9.84 -36.87 34.53
CA PRO A 1164 -9.31 -37.62 35.67
C PRO A 1164 -8.77 -36.79 36.83
N LEU A 1165 -8.95 -35.47 36.83
CA LEU A 1165 -8.49 -34.63 37.93
C LEU A 1165 -8.89 -35.20 39.28
N THR A 1166 -7.90 -35.61 40.07
CA THR A 1166 -8.11 -36.36 41.29
C THR A 1166 -8.47 -35.41 42.44
N LEU A 1167 -9.11 -35.98 43.47
CA LEU A 1167 -9.67 -35.18 44.55
C LEU A 1167 -9.27 -35.71 45.92
N PRO A 1168 -8.89 -34.82 46.84
CA PRO A 1168 -8.65 -35.23 48.22
C PRO A 1168 -9.90 -35.09 49.09
N ASP A 1169 -9.97 -35.94 50.12
CA ASP A 1169 -11.15 -35.97 51.00
C ASP A 1169 -11.50 -34.61 51.56
N SER A 1170 -10.52 -33.70 51.68
CA SER A 1170 -10.81 -32.33 52.07
C SER A 1170 -11.87 -31.71 51.16
N ALA A 1171 -11.64 -31.77 49.85
CA ALA A 1171 -12.62 -31.31 48.87
C ALA A 1171 -13.50 -32.41 48.31
N GLN A 1172 -13.02 -33.66 48.34
CA GLN A 1172 -13.83 -34.78 47.86
C GLN A 1172 -15.15 -34.90 48.61
N VAL A 1173 -15.19 -34.44 49.86
CA VAL A 1173 -16.44 -34.34 50.60
C VAL A 1173 -17.03 -32.94 50.57
N ARG A 1174 -16.21 -31.90 50.31
CA ARG A 1174 -16.74 -30.55 50.18
C ARG A 1174 -17.81 -30.45 49.10
N LEU A 1175 -17.72 -31.32 48.08
CA LEU A 1175 -18.68 -31.35 46.99
C LEU A 1175 -20.09 -31.71 47.46
N LYS A 1176 -20.24 -32.29 48.65
CA LYS A 1176 -21.54 -32.80 49.08
C LYS A 1176 -22.60 -31.71 49.10
N ARG A 1177 -22.45 -30.72 49.99
CA ARG A 1177 -23.39 -29.61 50.03
C ARG A 1177 -23.39 -28.84 48.72
N MET A 1178 -22.23 -28.74 48.06
CA MET A 1178 -22.14 -28.03 46.79
C MET A 1178 -23.03 -28.69 45.73
N TYR A 1179 -22.82 -29.98 45.48
CA TYR A 1179 -23.60 -30.74 44.50
C TYR A 1179 -23.86 -32.14 45.07
N PRO A 1180 -25.08 -32.41 45.54
CA PRO A 1180 -25.33 -33.64 46.32
C PRO A 1180 -25.23 -34.92 45.50
N GLY A 1181 -25.93 -34.98 44.36
CA GLY A 1181 -26.05 -36.21 43.60
C GLY A 1181 -24.75 -36.75 43.02
N ALA A 1182 -23.68 -35.95 43.03
CA ALA A 1182 -22.44 -36.32 42.39
C ALA A 1182 -21.74 -37.45 43.15
N HIS A 1183 -20.70 -38.00 42.53
CA HIS A 1183 -19.82 -38.98 43.16
C HIS A 1183 -18.49 -38.97 42.43
N TYR A 1184 -17.47 -39.54 43.08
CA TYR A 1184 -16.10 -39.45 42.61
C TYR A 1184 -15.36 -40.75 42.89
N ARG A 1185 -14.41 -41.08 42.02
CA ARG A 1185 -13.54 -42.23 42.17
C ARG A 1185 -12.11 -41.75 42.37
N ALA A 1186 -11.42 -42.32 43.37
CA ALA A 1186 -10.08 -41.87 43.70
C ALA A 1186 -9.07 -42.16 42.59
N THR A 1187 -9.29 -43.24 41.83
CA THR A 1187 -8.33 -43.65 40.81
C THR A 1187 -8.65 -43.02 39.44
N THR A 1188 -9.81 -43.34 38.89
CA THR A 1188 -10.29 -42.77 37.64
C THR A 1188 -11.35 -41.75 38.01
N ALA A 1189 -10.91 -40.50 38.22
CA ALA A 1189 -11.75 -39.49 38.85
C ALA A 1189 -13.12 -39.37 38.19
N THR A 1190 -13.15 -38.92 36.93
CA THR A 1190 -14.37 -38.81 36.14
C THR A 1190 -15.54 -38.31 36.98
N VAL A 1191 -15.40 -37.09 37.50
CA VAL A 1191 -16.35 -36.55 38.47
C VAL A 1191 -17.70 -36.37 37.80
N GLN A 1192 -18.65 -37.25 38.15
CA GLN A 1192 -19.98 -37.23 37.54
C GLN A 1192 -20.85 -36.22 38.28
N VAL A 1193 -21.66 -35.48 37.51
CA VAL A 1193 -22.49 -34.41 38.06
C VAL A 1193 -23.80 -34.34 37.29
N PRO A 1194 -24.94 -34.16 37.96
CA PRO A 1194 -26.23 -34.09 37.27
C PRO A 1194 -26.55 -32.67 36.79
N ILE A 1195 -27.54 -32.60 35.91
CA ILE A 1195 -27.97 -31.34 35.31
C ILE A 1195 -29.06 -30.71 36.18
N PRO A 1196 -29.11 -29.38 36.31
CA PRO A 1196 -30.18 -28.75 37.10
C PRO A 1196 -31.43 -28.47 36.29
N ARG A 1197 -32.58 -28.83 36.84
CA ARG A 1197 -33.88 -28.52 36.25
C ARG A 1197 -34.51 -27.38 37.05
N ALA A 1198 -34.85 -26.28 36.37
CA ALA A 1198 -35.47 -25.14 37.01
C ALA A 1198 -36.96 -25.44 37.24
N GLY A 1199 -37.72 -24.42 37.62
CA GLY A 1199 -39.15 -24.51 37.80
C GLY A 1199 -39.55 -25.59 38.79
N GLY A 1200 -40.76 -26.12 38.61
CA GLY A 1200 -41.30 -27.13 39.50
C GLY A 1200 -41.29 -28.53 38.92
N LEU A 1201 -42.45 -28.98 38.45
CA LEU A 1201 -42.60 -30.36 37.98
C LEU A 1201 -42.45 -30.52 36.48
N GLY A 1202 -42.69 -29.47 35.70
CA GLY A 1202 -42.58 -29.53 34.25
C GLY A 1202 -41.25 -30.06 33.74
N ALA A 1203 -40.25 -30.03 34.60
CA ALA A 1203 -38.94 -30.62 34.33
C ALA A 1203 -38.26 -30.13 33.05
N PRO A 1204 -38.05 -28.81 32.90
CA PRO A 1204 -37.14 -28.35 31.83
C PRO A 1204 -35.69 -28.56 32.24
N ARG A 1205 -34.76 -28.02 31.45
CA ARG A 1205 -33.36 -27.97 31.82
C ARG A 1205 -32.94 -26.51 31.96
N ILE A 1206 -31.97 -26.25 32.83
CA ILE A 1206 -31.40 -24.91 32.93
C ILE A 1206 -30.97 -24.45 31.54
N ARG A 1207 -31.22 -23.18 31.24
CA ARG A 1207 -30.90 -22.63 29.94
C ARG A 1207 -29.42 -22.83 29.60
N ASP A 1208 -29.11 -22.81 28.31
CA ASP A 1208 -27.74 -23.01 27.84
C ASP A 1208 -26.76 -22.10 28.58
N VAL A 1209 -27.11 -20.83 28.70
CA VAL A 1209 -26.23 -19.87 29.36
C VAL A 1209 -26.00 -20.26 30.82
N GLU A 1210 -27.09 -20.53 31.55
CA GLU A 1210 -26.98 -20.90 32.96
C GLU A 1210 -26.13 -22.16 33.17
N LEU A 1211 -25.93 -22.96 32.13
CA LEU A 1211 -25.16 -24.19 32.27
C LEU A 1211 -23.66 -23.90 32.38
N VAL A 1212 -23.10 -23.23 31.38
CA VAL A 1212 -21.65 -23.07 31.29
C VAL A 1212 -21.10 -22.33 32.51
N GLN A 1213 -21.81 -21.29 32.97
CA GLN A 1213 -21.35 -20.58 34.16
C GLN A 1213 -21.38 -21.47 35.40
N MET A 1214 -22.28 -22.46 35.42
CA MET A 1214 -22.25 -23.44 36.50
C MET A 1214 -21.01 -24.32 36.42
N VAL A 1215 -20.71 -24.86 35.23
CA VAL A 1215 -19.53 -25.70 35.05
C VAL A 1215 -18.26 -24.88 35.28
N ALA A 1216 -18.30 -23.59 34.96
CA ALA A 1216 -17.20 -22.68 35.27
C ALA A 1216 -17.17 -22.27 36.74
N ASP A 1217 -18.08 -22.81 37.57
CA ASP A 1217 -18.12 -22.52 39.00
C ASP A 1217 -17.66 -23.69 39.86
N LEU A 1218 -18.12 -24.91 39.59
CA LEU A 1218 -17.68 -26.06 40.39
C LEU A 1218 -16.19 -26.29 40.25
N ILE A 1219 -15.62 -26.03 39.08
CA ILE A 1219 -14.17 -26.09 38.91
C ILE A 1219 -13.49 -25.09 39.83
N THR A 1220 -14.02 -23.87 39.88
CA THR A 1220 -13.47 -22.86 40.77
C THR A 1220 -13.62 -23.26 42.23
N ALA A 1221 -14.72 -23.95 42.56
CA ALA A 1221 -14.97 -24.33 43.94
C ALA A 1221 -14.03 -25.44 44.40
N LEU A 1222 -13.74 -26.40 43.52
CA LEU A 1222 -12.89 -27.53 43.88
C LEU A 1222 -11.49 -27.06 44.27
N ALA A 1223 -10.76 -26.48 43.33
CA ALA A 1223 -9.44 -25.94 43.64
C ALA A 1223 -9.52 -24.76 44.59
N GLY A 1224 -10.66 -24.06 44.65
CA GLY A 1224 -10.82 -22.93 45.54
C GLY A 1224 -10.68 -21.61 44.80
N LYS A 1225 -11.80 -20.97 44.49
CA LYS A 1225 -11.80 -19.69 43.78
C LYS A 1225 -13.15 -19.00 43.89
#